data_7UCP
# 
_entry.id   7UCP 
# 
_audit_conform.dict_name       mmcif_pdbx.dic 
_audit_conform.dict_version    5.398 
_audit_conform.dict_location   http://mmcif.pdb.org/dictionaries/ascii/mmcif_pdbx.dic 
# 
loop_
_database_2.database_id 
_database_2.database_code 
_database_2.pdbx_database_accession 
_database_2.pdbx_DOI 
PDB   7UCP         pdb_00007ucp 10.2210/pdb7ucp/pdb 
WWPDB D_1000263400 ?            ?                   
# 
loop_
_pdbx_audit_revision_history.ordinal 
_pdbx_audit_revision_history.data_content_type 
_pdbx_audit_revision_history.major_revision 
_pdbx_audit_revision_history.minor_revision 
_pdbx_audit_revision_history.revision_date 
1 'Structure model' 1 0 2022-09-14 
2 'Structure model' 1 1 2022-09-28 
3 'Structure model' 1 2 2024-11-13 
# 
_pdbx_audit_revision_details.ordinal             1 
_pdbx_audit_revision_details.revision_ordinal    1 
_pdbx_audit_revision_details.data_content_type   'Structure model' 
_pdbx_audit_revision_details.provider            repository 
_pdbx_audit_revision_details.type                'Initial release' 
_pdbx_audit_revision_details.description         ? 
_pdbx_audit_revision_details.details             ? 
# 
loop_
_pdbx_audit_revision_group.ordinal 
_pdbx_audit_revision_group.revision_ordinal 
_pdbx_audit_revision_group.data_content_type 
_pdbx_audit_revision_group.group 
1 2 'Structure model' 'Database references' 
2 3 'Structure model' 'Data collection'     
3 3 'Structure model' 'Structure summary'   
# 
loop_
_pdbx_audit_revision_category.ordinal 
_pdbx_audit_revision_category.revision_ordinal 
_pdbx_audit_revision_category.data_content_type 
_pdbx_audit_revision_category.category 
1 2 'Structure model' citation                  
2 3 'Structure model' chem_comp_atom            
3 3 'Structure model' chem_comp_bond            
4 3 'Structure model' pdbx_entry_details        
5 3 'Structure model' pdbx_modification_feature 
# 
loop_
_pdbx_audit_revision_item.ordinal 
_pdbx_audit_revision_item.revision_ordinal 
_pdbx_audit_revision_item.data_content_type 
_pdbx_audit_revision_item.item 
1 2 'Structure model' '_citation.journal_volume'                     
2 2 'Structure model' '_citation.page_first'                         
3 2 'Structure model' '_citation.page_last'                          
4 3 'Structure model' '_pdbx_entry_details.has_protein_modification' 
# 
_pdbx_database_status.status_code                     REL 
_pdbx_database_status.status_code_sf                  REL 
_pdbx_database_status.status_code_mr                  ? 
_pdbx_database_status.entry_id                        7UCP 
_pdbx_database_status.recvd_initial_deposition_date   2022-03-17 
_pdbx_database_status.SG_entry                        N 
_pdbx_database_status.deposit_site                    RCSB 
_pdbx_database_status.process_site                    RCSB 
_pdbx_database_status.status_code_cs                  ? 
_pdbx_database_status.status_code_nmr_data            ? 
_pdbx_database_status.methods_development_category    ? 
_pdbx_database_status.pdb_format_compatible           Y 
# 
_pdbx_contact_author.id                 3 
_pdbx_contact_author.email              gauravb@uw.edu 
_pdbx_contact_author.name_first         Gaurav 
_pdbx_contact_author.name_last          Bhardwaj 
_pdbx_contact_author.name_mi            ? 
_pdbx_contact_author.role               'principal investigator/group leader' 
_pdbx_contact_author.identifier_ORCID   0000-0001-6554-2335 
# 
loop_
_audit_author.name 
_audit_author.pdbx_ordinal 
_audit_author.identifier_ORCID 
'Bhardwaj, G.' 1 0000-0001-6554-2335 
'Baker, D.'    2 ?                   
'Rettie, S.'   3 ?                   
'Glynn, C.'    4 ?                   
'Sawaya, M.'   5 ?                   
# 
_citation.abstract                  ? 
_citation.abstract_id_CAS           ? 
_citation.book_id_ISBN              ? 
_citation.book_publisher            ? 
_citation.book_publisher_city       ? 
_citation.book_title                ? 
_citation.coordinate_linkage        ? 
_citation.country                   ? 
_citation.database_id_Medline       ? 
_citation.details                   ? 
_citation.id                        primary 
_citation.journal_abbrev            Cell 
_citation.journal_id_ASTM           ? 
_citation.journal_id_CSD            ? 
_citation.journal_id_ISSN           1097-4172 
_citation.journal_full              ? 
_citation.journal_issue             ? 
_citation.journal_volume            185 
_citation.language                  ? 
_citation.page_first                3520 
_citation.page_last                 3532.e26 
_citation.title                     'Accurate de novo design of membrane-traversing macrocycles.' 
_citation.year                      2022 
_citation.database_id_CSD           ? 
_citation.pdbx_database_id_DOI      10.1016/j.cell.2022.07.019 
_citation.pdbx_database_id_PubMed   36041435 
_citation.pdbx_database_id_patent   ? 
_citation.unpublished_flag          ? 
# 
loop_
_citation_author.citation_id 
_citation_author.name 
_citation_author.ordinal 
_citation_author.identifier_ORCID 
primary 'Bhardwaj, G.'      1  ? 
primary 
;O'Connor, J.
;
2  ? 
primary 'Rettie, S.'        3  ? 
primary 'Huang, Y.H.'       4  ? 
primary 'Ramelot, T.A.'     5  ? 
primary 'Mulligan, V.K.'    6  ? 
primary 'Alpkilic, G.G.'    7  ? 
primary 'Palmer, J.'        8  ? 
primary 'Bera, A.K.'        9  ? 
primary 'Bick, M.J.'        10 ? 
primary 'Di Piazza, M.'     11 ? 
primary 'Li, X.'            12 ? 
primary 'Hosseinzadeh, P.'  13 ? 
primary 'Craven, T.W.'      14 ? 
primary 'Tejero, R.'        15 ? 
primary 'Lauko, A.'         16 ? 
primary 'Choi, R.'          17 ? 
primary 'Glynn, C.'         18 ? 
primary 'Dong, L.'          19 ? 
primary 'Griffin, R.'       20 ? 
primary 'van Voorhis, W.C.' 21 ? 
primary 'Rodriguez, J.'     22 ? 
primary 'Stewart, L.'       23 ? 
primary 'Montelione, G.T.'  24 ? 
primary 'Craik, D.'         25 ? 
primary 'Baker, D.'         26 ? 
# 
loop_
_entity.id 
_entity.type 
_entity.src_method 
_entity.pdbx_description 
_entity.formula_weight 
_entity.pdbx_number_of_molecules 
_entity.pdbx_ec 
_entity.pdbx_mutation 
_entity.pdbx_fragment 
_entity.details 
1 polymer syn 'computationally designed cyclic peptide D8.3.p2' 905.217 1 ? ? ? 
'Designed target sequence: Leu Val D-Pro MLE Leu Ile D-Pro MLE Peptide is N to C cyclized.' 
2 water   nat water                                             18.015  1 ? ? ? ? 
# 
_entity_poly.entity_id                      1 
_entity_poly.type                           'polypeptide(L)' 
_entity_poly.nstd_linkage                   no 
_entity_poly.nstd_monomer                   yes 
_entity_poly.pdbx_seq_one_letter_code       'LV(DPR)(MLE)LI(DPR)(MLE)' 
_entity_poly.pdbx_seq_one_letter_code_can   LVPLLIPL 
_entity_poly.pdbx_strand_id                 A 
_entity_poly.pdbx_target_identifier         ? 
# 
_pdbx_entity_nonpoly.entity_id   2 
_pdbx_entity_nonpoly.name        water 
_pdbx_entity_nonpoly.comp_id     HOH 
# 
loop_
_entity_poly_seq.entity_id 
_entity_poly_seq.num 
_entity_poly_seq.mon_id 
_entity_poly_seq.hetero 
1 1 LEU n 
1 2 VAL n 
1 3 DPR n 
1 4 MLE n 
1 5 LEU n 
1 6 ILE n 
1 7 DPR n 
1 8 MLE n 
# 
_pdbx_entity_src_syn.entity_id              1 
_pdbx_entity_src_syn.pdbx_src_id            1 
_pdbx_entity_src_syn.pdbx_alt_source_flag   sample 
_pdbx_entity_src_syn.pdbx_beg_seq_num       1 
_pdbx_entity_src_syn.pdbx_end_seq_num       8 
_pdbx_entity_src_syn.organism_scientific    'synthetic construct' 
_pdbx_entity_src_syn.organism_common_name   ? 
_pdbx_entity_src_syn.ncbi_taxonomy_id       32630 
_pdbx_entity_src_syn.details                ? 
# 
loop_
_chem_comp.id 
_chem_comp.type 
_chem_comp.mon_nstd_flag 
_chem_comp.name 
_chem_comp.pdbx_synonyms 
_chem_comp.formula 
_chem_comp.formula_weight 
DPR 'D-peptide linking' . D-PROLINE       ? 'C5 H9 N O2'  115.130 
HOH non-polymer         . WATER           ? 'H2 O'        18.015  
ILE 'L-peptide linking' y ISOLEUCINE      ? 'C6 H13 N O2' 131.173 
LEU 'L-peptide linking' y LEUCINE         ? 'C6 H13 N O2' 131.173 
MLE 'L-peptide linking' n N-METHYLLEUCINE ? 'C7 H15 N O2' 145.199 
VAL 'L-peptide linking' y VALINE          ? 'C5 H11 N O2' 117.146 
# 
loop_
_pdbx_poly_seq_scheme.asym_id 
_pdbx_poly_seq_scheme.entity_id 
_pdbx_poly_seq_scheme.seq_id 
_pdbx_poly_seq_scheme.mon_id 
_pdbx_poly_seq_scheme.ndb_seq_num 
_pdbx_poly_seq_scheme.pdb_seq_num 
_pdbx_poly_seq_scheme.auth_seq_num 
_pdbx_poly_seq_scheme.pdb_mon_id 
_pdbx_poly_seq_scheme.auth_mon_id 
_pdbx_poly_seq_scheme.pdb_strand_id 
_pdbx_poly_seq_scheme.pdb_ins_code 
_pdbx_poly_seq_scheme.hetero 
A 1 1 LEU 1 1 1 LEU LEU A . n 
A 1 2 VAL 2 2 2 VAL VAL A . n 
A 1 3 DPR 3 3 3 DPR DPR A . n 
A 1 4 MLE 4 4 4 MLE MLE A . n 
A 1 5 LEU 5 5 5 LEU LEU A . n 
A 1 6 ILE 6 6 6 ILE ILE A . n 
A 1 7 DPR 7 7 7 DPR DPR A . n 
A 1 8 MLE 8 8 8 MLE MLE A . n 
# 
_pdbx_nonpoly_scheme.asym_id         B 
_pdbx_nonpoly_scheme.entity_id       2 
_pdbx_nonpoly_scheme.mon_id          HOH 
_pdbx_nonpoly_scheme.ndb_seq_num     1 
_pdbx_nonpoly_scheme.pdb_seq_num     101 
_pdbx_nonpoly_scheme.auth_seq_num    11 
_pdbx_nonpoly_scheme.pdb_mon_id      HOH 
_pdbx_nonpoly_scheme.auth_mon_id     HOH 
_pdbx_nonpoly_scheme.pdb_strand_id   A 
_pdbx_nonpoly_scheme.pdb_ins_code    . 
# 
loop_
_software.citation_id 
_software.classification 
_software.compiler_name 
_software.compiler_version 
_software.contact_author 
_software.contact_author_email 
_software.date 
_software.description 
_software.dependencies 
_software.hardware 
_software.language 
_software.location 
_software.mods 
_software.name 
_software.os 
_software.os_version 
_software.type 
_software.version 
_software.pdbx_ordinal 
? refinement        ? ? ? ? ? ? ? ? ? ? ? PHENIX      ? ? ? 1.20_4459 1 
? 'data extraction' ? ? ? ? ? ? ? ? ? ? ? PDB_EXTRACT ? ? ? 3.27      2 
? 'data reduction'  ? ? ? ? ? ? ? ? ? ? ? XDS         ? ? ? .         3 
? 'data scaling'    ? ? ? ? ? ? ? ? ? ? ? XSCALE      ? ? ? .         4 
? phasing           ? ? ? ? ? ? ? ? ? ? ? SHELXT      ? ? ? .         5 
# 
_cell.angle_alpha                  90.000 
_cell.angle_alpha_esd              ? 
_cell.angle_beta                   102.860 
_cell.angle_beta_esd               ? 
_cell.angle_gamma                  90.000 
_cell.angle_gamma_esd              ? 
_cell.entry_id                     7UCP 
_cell.details                      ? 
_cell.formula_units_Z              ? 
_cell.length_a                     10.220 
_cell.length_a_esd                 ? 
_cell.length_b                     44.920 
_cell.length_b_esd                 ? 
_cell.length_c                     11.560 
_cell.length_c_esd                 ? 
_cell.volume                       5173.876 
_cell.volume_esd                   ? 
_cell.Z_PDB                        4 
_cell.reciprocal_angle_alpha       ? 
_cell.reciprocal_angle_beta        ? 
_cell.reciprocal_angle_gamma       ? 
_cell.reciprocal_angle_alpha_esd   ? 
_cell.reciprocal_angle_beta_esd    ? 
_cell.reciprocal_angle_gamma_esd   ? 
_cell.reciprocal_length_a          ? 
_cell.reciprocal_length_b          ? 
_cell.reciprocal_length_c          ? 
_cell.reciprocal_length_a_esd      ? 
_cell.reciprocal_length_b_esd      ? 
_cell.reciprocal_length_c_esd      ? 
_cell.pdbx_unique_axis             ? 
# 
_symmetry.entry_id                         7UCP 
_symmetry.cell_setting                     ? 
_symmetry.Int_Tables_number                14 
_symmetry.space_group_name_Hall            '-P 2ybc' 
_symmetry.space_group_name_H-M             'P 1 21/c 1' 
_symmetry.pdbx_full_space_group_name_H-M   ? 
# 
_exptl.absorpt_coefficient_mu     ? 
_exptl.absorpt_correction_T_max   ? 
_exptl.absorpt_correction_T_min   ? 
_exptl.absorpt_correction_type    ? 
_exptl.absorpt_process_details    ? 
_exptl.entry_id                   7UCP 
_exptl.crystals_number            1 
_exptl.details                    ? 
_exptl.method                     'X-RAY DIFFRACTION' 
_exptl.method_details             ? 
# 
_exptl_crystal.colour                      ? 
_exptl_crystal.density_diffrn              ? 
_exptl_crystal.density_Matthews            1.43 
_exptl_crystal.density_method              ? 
_exptl_crystal.density_percent_sol         ? 
_exptl_crystal.description                 ? 
_exptl_crystal.F_000                       ? 
_exptl_crystal.id                          1 
_exptl_crystal.preparation                 ? 
_exptl_crystal.size_max                    ? 
_exptl_crystal.size_mid                    ? 
_exptl_crystal.size_min                    ? 
_exptl_crystal.size_rad                    ? 
_exptl_crystal.colour_lustre               ? 
_exptl_crystal.colour_modifier             ? 
_exptl_crystal.colour_primary              ? 
_exptl_crystal.density_meas                ? 
_exptl_crystal.density_meas_esd            ? 
_exptl_crystal.density_meas_gt             ? 
_exptl_crystal.density_meas_lt             ? 
_exptl_crystal.density_meas_temp           ? 
_exptl_crystal.density_meas_temp_esd       ? 
_exptl_crystal.density_meas_temp_gt        ? 
_exptl_crystal.density_meas_temp_lt        ? 
_exptl_crystal.pdbx_crystal_image_url      ? 
_exptl_crystal.pdbx_crystal_image_format   ? 
_exptl_crystal.pdbx_mosaicity              ? 
_exptl_crystal.pdbx_mosaicity_esd          ? 
# 
_exptl_crystal_grow.apparatus       ? 
_exptl_crystal_grow.atmosphere      ? 
_exptl_crystal_grow.crystal_id      1 
_exptl_crystal_grow.details         ? 
_exptl_crystal_grow.method          'VAPOR DIFFUSION, HANGING DROP' 
_exptl_crystal_grow.method_ref      ? 
_exptl_crystal_grow.pH              ? 
_exptl_crystal_grow.pressure        ? 
_exptl_crystal_grow.pressure_esd    ? 
_exptl_crystal_grow.seeding         ? 
_exptl_crystal_grow.seeding_ref     ? 
_exptl_crystal_grow.temp            298 
_exptl_crystal_grow.temp_details    ? 
_exptl_crystal_grow.temp_esd        ? 
_exptl_crystal_grow.time            ? 
_exptl_crystal_grow.pdbx_details    '1mg/ml peptide in acetonitrile' 
_exptl_crystal_grow.pdbx_pH_range   ? 
# 
_diffrn.ambient_environment              ? 
_diffrn.ambient_temp                     196 
_diffrn.ambient_temp_details             'LN2 gas' 
_diffrn.ambient_temp_esd                 ? 
_diffrn.crystal_id                       1 
_diffrn.crystal_support                  ? 
_diffrn.crystal_treatment                ? 
_diffrn.details                          ? 
_diffrn.id                               1 
_diffrn.ambient_pressure                 ? 
_diffrn.ambient_pressure_esd             ? 
_diffrn.ambient_pressure_gt              ? 
_diffrn.ambient_pressure_lt              ? 
_diffrn.ambient_temp_gt                  ? 
_diffrn.ambient_temp_lt                  ? 
_diffrn.pdbx_serial_crystal_experiment   N 
# 
_diffrn_detector.details                      ? 
_diffrn_detector.detector                     PIXEL 
_diffrn_detector.diffrn_id                    1 
_diffrn_detector.type                         'DECTRIS PILATUS 6M' 
_diffrn_detector.area_resol_mean              ? 
_diffrn_detector.dtime                        ? 
_diffrn_detector.pdbx_frames_total            ? 
_diffrn_detector.pdbx_collection_time_total   ? 
_diffrn_detector.pdbx_collection_date         2019-02-22 
_diffrn_detector.pdbx_frequency               ? 
# 
_diffrn_radiation.collimation                      ? 
_diffrn_radiation.diffrn_id                        1 
_diffrn_radiation.filter_edge                      ? 
_diffrn_radiation.inhomogeneity                    ? 
_diffrn_radiation.monochromator                    ? 
_diffrn_radiation.polarisn_norm                    ? 
_diffrn_radiation.polarisn_ratio                   ? 
_diffrn_radiation.probe                            ? 
_diffrn_radiation.type                             ? 
_diffrn_radiation.xray_symbol                      ? 
_diffrn_radiation.wavelength_id                    1 
_diffrn_radiation.pdbx_monochromatic_or_laue_m_l   M 
_diffrn_radiation.pdbx_wavelength_list             ? 
_diffrn_radiation.pdbx_wavelength                  ? 
_diffrn_radiation.pdbx_diffrn_protocol             'SINGLE WAVELENGTH' 
_diffrn_radiation.pdbx_analyzer                    ? 
_diffrn_radiation.pdbx_scattering_type             x-ray 
# 
_diffrn_radiation_wavelength.id           1 
_diffrn_radiation_wavelength.wavelength   0.8377 
_diffrn_radiation_wavelength.wt           1.0 
# 
_diffrn_source.current                     ? 
_diffrn_source.details                     ? 
_diffrn_source.diffrn_id                   1 
_diffrn_source.power                       ? 
_diffrn_source.size                        ? 
_diffrn_source.source                      SYNCHROTRON 
_diffrn_source.target                      ? 
_diffrn_source.type                        'APS BEAMLINE 24-ID-C' 
_diffrn_source.voltage                     ? 
_diffrn_source.take-off_angle              ? 
_diffrn_source.pdbx_wavelength_list        0.8377 
_diffrn_source.pdbx_wavelength             ? 
_diffrn_source.pdbx_synchrotron_beamline   24-ID-C 
_diffrn_source.pdbx_synchrotron_site       APS 
# 
_reflns.B_iso_Wilson_estimate                          47.95 
_reflns.entry_id                                       7UCP 
_reflns.data_reduction_details                         ? 
_reflns.data_reduction_method                          ? 
_reflns.d_resolution_high                              0.85 
_reflns.d_resolution_low                               100 
_reflns.details                                        ? 
_reflns.limit_h_max                                    ? 
_reflns.limit_h_min                                    ? 
_reflns.limit_k_max                                    ? 
_reflns.limit_k_min                                    ? 
_reflns.limit_l_max                                    ? 
_reflns.limit_l_min                                    ? 
_reflns.number_all                                     ? 
_reflns.number_obs                                     8258 
_reflns.observed_criterion                             ? 
_reflns.observed_criterion_F_max                       ? 
_reflns.observed_criterion_F_min                       ? 
_reflns.observed_criterion_I_max                       ? 
_reflns.observed_criterion_I_min                       ? 
_reflns.observed_criterion_sigma_F                     ? 
_reflns.observed_criterion_sigma_I                     ? 
_reflns.percent_possible_obs                           92.3 
_reflns.R_free_details                                 ? 
_reflns.Rmerge_F_all                                   ? 
_reflns.Rmerge_F_obs                                   ? 
_reflns.Friedel_coverage                               ? 
_reflns.number_gt                                      ? 
_reflns.threshold_expression                           ? 
_reflns.pdbx_redundancy                                4.96 
_reflns.pdbx_Rmerge_I_obs                              0.049 
_reflns.pdbx_Rmerge_I_all                              ? 
_reflns.pdbx_Rsym_value                                ? 
_reflns.pdbx_netI_over_av_sigmaI                       ? 
_reflns.pdbx_netI_over_sigmaI                          15.63 
_reflns.pdbx_res_netI_over_av_sigmaI_2                 ? 
_reflns.pdbx_res_netI_over_sigmaI_2                    ? 
_reflns.pdbx_chi_squared                               ? 
_reflns.pdbx_scaling_rejects                           ? 
_reflns.pdbx_d_res_high_opt                            ? 
_reflns.pdbx_d_res_low_opt                             ? 
_reflns.pdbx_d_res_opt_method                          ? 
_reflns.phase_calculation_details                      ? 
_reflns.pdbx_Rrim_I_all                                ? 
_reflns.pdbx_Rpim_I_all                                ? 
_reflns.pdbx_d_opt                                     ? 
_reflns.pdbx_number_measured_all                       ? 
_reflns.pdbx_diffrn_id                                 1 
_reflns.pdbx_ordinal                                   1 
_reflns.pdbx_CC_half                                   0.996 
_reflns.pdbx_CC_star                                   ? 
_reflns.pdbx_R_split                                   ? 
_reflns.pdbx_aniso_diffraction_limit_axis_1_ortho[1]   ? 
_reflns.pdbx_aniso_diffraction_limit_axis_1_ortho[2]   ? 
_reflns.pdbx_aniso_diffraction_limit_axis_1_ortho[3]   ? 
_reflns.pdbx_aniso_diffraction_limit_axis_2_ortho[1]   ? 
_reflns.pdbx_aniso_diffraction_limit_axis_2_ortho[2]   ? 
_reflns.pdbx_aniso_diffraction_limit_axis_2_ortho[3]   ? 
_reflns.pdbx_aniso_diffraction_limit_axis_3_ortho[1]   ? 
_reflns.pdbx_aniso_diffraction_limit_axis_3_ortho[2]   ? 
_reflns.pdbx_aniso_diffraction_limit_axis_3_ortho[3]   ? 
_reflns.pdbx_aniso_diffraction_limit_1                 ? 
_reflns.pdbx_aniso_diffraction_limit_2                 ? 
_reflns.pdbx_aniso_diffraction_limit_3                 ? 
_reflns.pdbx_aniso_B_tensor_eigenvector_1_ortho[1]     ? 
_reflns.pdbx_aniso_B_tensor_eigenvector_1_ortho[2]     ? 
_reflns.pdbx_aniso_B_tensor_eigenvector_1_ortho[3]     ? 
_reflns.pdbx_aniso_B_tensor_eigenvector_2_ortho[1]     ? 
_reflns.pdbx_aniso_B_tensor_eigenvector_2_ortho[2]     ? 
_reflns.pdbx_aniso_B_tensor_eigenvector_2_ortho[3]     ? 
_reflns.pdbx_aniso_B_tensor_eigenvector_3_ortho[1]     ? 
_reflns.pdbx_aniso_B_tensor_eigenvector_3_ortho[2]     ? 
_reflns.pdbx_aniso_B_tensor_eigenvector_3_ortho[3]     ? 
_reflns.pdbx_aniso_B_tensor_eigenvalue_1               ? 
_reflns.pdbx_aniso_B_tensor_eigenvalue_2               ? 
_reflns.pdbx_aniso_B_tensor_eigenvalue_3               ? 
_reflns.pdbx_orthogonalization_convention              ? 
_reflns.pdbx_percent_possible_ellipsoidal              ? 
_reflns.pdbx_percent_possible_spherical                ? 
_reflns.pdbx_percent_possible_ellipsoidal_anomalous    ? 
_reflns.pdbx_percent_possible_spherical_anomalous      ? 
_reflns.pdbx_redundancy_anomalous                      ? 
_reflns.pdbx_CC_half_anomalous                         ? 
_reflns.pdbx_absDiff_over_sigma_anomalous              ? 
_reflns.pdbx_percent_possible_anomalous                ? 
_reflns.pdbx_observed_signal_threshold                 ? 
_reflns.pdbx_signal_type                               ? 
_reflns.pdbx_signal_details                            ? 
_reflns.pdbx_signal_software_id                        ? 
# 
_reflns_shell.d_res_high                                    0.85 
_reflns_shell.d_res_low                                     0.87 
_reflns_shell.meanI_over_sigI_all                           ? 
_reflns_shell.meanI_over_sigI_obs                           3.08 
_reflns_shell.number_measured_all                           ? 
_reflns_shell.number_measured_obs                           ? 
_reflns_shell.number_possible                               ? 
_reflns_shell.number_unique_all                             ? 
_reflns_shell.number_unique_obs                             364 
_reflns_shell.percent_possible_all                          56.4 
_reflns_shell.percent_possible_obs                          ? 
_reflns_shell.Rmerge_F_all                                  ? 
_reflns_shell.Rmerge_F_obs                                  ? 
_reflns_shell.Rmerge_I_all                                  ? 
_reflns_shell.Rmerge_I_obs                                  0.315 
_reflns_shell.meanI_over_sigI_gt                            ? 
_reflns_shell.meanI_over_uI_all                             ? 
_reflns_shell.meanI_over_uI_gt                              ? 
_reflns_shell.number_measured_gt                            ? 
_reflns_shell.number_unique_gt                              ? 
_reflns_shell.percent_possible_gt                           ? 
_reflns_shell.Rmerge_F_gt                                   ? 
_reflns_shell.Rmerge_I_gt                                   ? 
_reflns_shell.pdbx_redundancy                               ? 
_reflns_shell.pdbx_Rsym_value                               ? 
_reflns_shell.pdbx_chi_squared                              ? 
_reflns_shell.pdbx_netI_over_sigmaI_all                     ? 
_reflns_shell.pdbx_netI_over_sigmaI_obs                     ? 
_reflns_shell.pdbx_Rrim_I_all                               ? 
_reflns_shell.pdbx_Rpim_I_all                               ? 
_reflns_shell.pdbx_rejects                                  ? 
_reflns_shell.pdbx_ordinal                                  1 
_reflns_shell.pdbx_diffrn_id                                1 
_reflns_shell.pdbx_CC_half                                  0.942 
_reflns_shell.pdbx_CC_star                                  ? 
_reflns_shell.pdbx_R_split                                  ? 
_reflns_shell.pdbx_percent_possible_ellipsoidal             ? 
_reflns_shell.pdbx_percent_possible_spherical               ? 
_reflns_shell.pdbx_percent_possible_ellipsoidal_anomalous   ? 
_reflns_shell.pdbx_percent_possible_spherical_anomalous     ? 
_reflns_shell.pdbx_redundancy_anomalous                     ? 
_reflns_shell.pdbx_CC_half_anomalous                        ? 
_reflns_shell.pdbx_absDiff_over_sigma_anomalous             ? 
_reflns_shell.pdbx_percent_possible_anomalous               ? 
# 
_refine.aniso_B[1][1]                            ? 
_refine.aniso_B[1][2]                            ? 
_refine.aniso_B[1][3]                            ? 
_refine.aniso_B[2][2]                            ? 
_refine.aniso_B[2][3]                            ? 
_refine.aniso_B[3][3]                            ? 
_refine.B_iso_max                                ? 
_refine.B_iso_mean                               5.82 
_refine.B_iso_min                                ? 
_refine.correlation_coeff_Fo_to_Fc               ? 
_refine.correlation_coeff_Fo_to_Fc_free          ? 
_refine.details                                  ? 
_refine.diff_density_max                         ? 
_refine.diff_density_max_esd                     ? 
_refine.diff_density_min                         ? 
_refine.diff_density_min_esd                     ? 
_refine.diff_density_rms                         ? 
_refine.diff_density_rms_esd                     ? 
_refine.entry_id                                 7UCP 
_refine.pdbx_refine_id                           'X-RAY DIFFRACTION' 
_refine.ls_abs_structure_details                 ? 
_refine.ls_abs_structure_Flack                   ? 
_refine.ls_abs_structure_Flack_esd               ? 
_refine.ls_abs_structure_Rogers                  ? 
_refine.ls_abs_structure_Rogers_esd              ? 
_refine.ls_d_res_high                            0.85 
_refine.ls_d_res_low                             22.46 
_refine.ls_extinction_coef                       ? 
_refine.ls_extinction_coef_esd                   ? 
_refine.ls_extinction_expression                 ? 
_refine.ls_extinction_method                     ? 
_refine.ls_goodness_of_fit_all                   ? 
_refine.ls_goodness_of_fit_all_esd               ? 
_refine.ls_goodness_of_fit_obs                   ? 
_refine.ls_goodness_of_fit_obs_esd               ? 
_refine.ls_hydrogen_treatment                    ? 
_refine.ls_matrix_type                           ? 
_refine.ls_number_constraints                    ? 
_refine.ls_number_parameters                     ? 
_refine.ls_number_reflns_all                     ? 
_refine.ls_number_reflns_obs                     8206 
_refine.ls_number_reflns_R_free                  824 
_refine.ls_number_reflns_R_work                  7382 
_refine.ls_number_restraints                     ? 
_refine.ls_percent_reflns_obs                    91.91 
_refine.ls_percent_reflns_R_free                 10.04 
_refine.ls_R_factor_all                          ? 
_refine.ls_R_factor_obs                          0.0969 
_refine.ls_R_factor_R_free                       0.1021 
_refine.ls_R_factor_R_free_error                 ? 
_refine.ls_R_factor_R_free_error_details         ? 
_refine.ls_R_factor_R_work                       0.0964 
_refine.ls_R_Fsqd_factor_obs                     ? 
_refine.ls_R_I_factor_obs                        ? 
_refine.ls_redundancy_reflns_all                 ? 
_refine.ls_redundancy_reflns_obs                 ? 
_refine.ls_restrained_S_all                      ? 
_refine.ls_restrained_S_obs                      ? 
_refine.ls_shift_over_esd_max                    ? 
_refine.ls_shift_over_esd_mean                   ? 
_refine.ls_structure_factor_coef                 ? 
_refine.ls_weighting_details                     ? 
_refine.ls_weighting_scheme                      ? 
_refine.ls_wR_factor_all                         ? 
_refine.ls_wR_factor_obs                         ? 
_refine.ls_wR_factor_R_free                      ? 
_refine.ls_wR_factor_R_work                      ? 
_refine.occupancy_max                            ? 
_refine.occupancy_min                            ? 
_refine.solvent_model_details                    'FLAT BULK SOLVENT MODEL' 
_refine.solvent_model_param_bsol                 ? 
_refine.solvent_model_param_ksol                 ? 
_refine.pdbx_R_complete                          ? 
_refine.ls_R_factor_gt                           ? 
_refine.ls_goodness_of_fit_gt                    ? 
_refine.ls_goodness_of_fit_ref                   ? 
_refine.ls_shift_over_su_max                     ? 
_refine.ls_shift_over_su_max_lt                  ? 
_refine.ls_shift_over_su_mean                    ? 
_refine.ls_shift_over_su_mean_lt                 ? 
_refine.pdbx_ls_sigma_I                          ? 
_refine.pdbx_ls_sigma_F                          1.39 
_refine.pdbx_ls_sigma_Fsqd                       ? 
_refine.pdbx_data_cutoff_high_absF               ? 
_refine.pdbx_data_cutoff_high_rms_absF           ? 
_refine.pdbx_data_cutoff_low_absF                ? 
_refine.pdbx_isotropic_thermal_model             ? 
_refine.pdbx_ls_cross_valid_method               'FREE R-VALUE' 
_refine.pdbx_method_to_determine_struct          'AB INITIO PHASING' 
_refine.pdbx_starting_model                      ? 
_refine.pdbx_stereochemistry_target_values       'GeoStd + Monomer Library + CDL v1.2' 
_refine.pdbx_R_Free_selection_details            RANDOM 
_refine.pdbx_stereochem_target_val_spec_case     ? 
_refine.pdbx_overall_ESU_R                       ? 
_refine.pdbx_overall_ESU_R_Free                  ? 
_refine.pdbx_solvent_vdw_probe_radii             1.1000 
_refine.pdbx_solvent_ion_probe_radii             ? 
_refine.pdbx_solvent_shrinkage_radii             0.9000 
_refine.pdbx_real_space_R                        ? 
_refine.pdbx_density_correlation                 ? 
_refine.pdbx_pd_number_of_powder_patterns        ? 
_refine.pdbx_pd_number_of_points                 ? 
_refine.pdbx_pd_meas_number_of_points            ? 
_refine.pdbx_pd_proc_ls_prof_R_factor            ? 
_refine.pdbx_pd_proc_ls_prof_wR_factor           ? 
_refine.pdbx_pd_Marquardt_correlation_coeff      ? 
_refine.pdbx_pd_Fsqrd_R_factor                   ? 
_refine.pdbx_pd_ls_matrix_band_width             ? 
_refine.pdbx_overall_phase_error                 8.1592 
_refine.pdbx_overall_SU_R_free_Cruickshank_DPI   ? 
_refine.pdbx_overall_SU_R_free_Blow_DPI          ? 
_refine.pdbx_overall_SU_R_Blow_DPI               ? 
_refine.pdbx_TLS_residual_ADP_flag               ? 
_refine.pdbx_diffrn_id                           1 
_refine.overall_SU_B                             ? 
_refine.overall_SU_ML                            0.0543 
_refine.overall_SU_R_Cruickshank_DPI             ? 
_refine.overall_SU_R_free                        ? 
_refine.overall_FOM_free_R_set                   ? 
_refine.overall_FOM_work_R_set                   ? 
_refine.pdbx_average_fsc_overall                 ? 
_refine.pdbx_average_fsc_work                    ? 
_refine.pdbx_average_fsc_free                    ? 
# 
_refine_hist.pdbx_refine_id                   'X-RAY DIFFRACTION' 
_refine_hist.cycle_id                         LAST 
_refine_hist.details                          ? 
_refine_hist.d_res_high                       0.85 
_refine_hist.d_res_low                        22.46 
_refine_hist.number_atoms_solvent             1 
_refine_hist.number_atoms_total               64 
_refine_hist.number_reflns_all                ? 
_refine_hist.number_reflns_obs                ? 
_refine_hist.number_reflns_R_free             ? 
_refine_hist.number_reflns_R_work             ? 
_refine_hist.R_factor_all                     ? 
_refine_hist.R_factor_obs                     ? 
_refine_hist.R_factor_R_free                  ? 
_refine_hist.R_factor_R_work                  ? 
_refine_hist.pdbx_number_residues_total       ? 
_refine_hist.pdbx_B_iso_mean_ligand           ? 
_refine_hist.pdbx_B_iso_mean_solvent          ? 
_refine_hist.pdbx_number_atoms_protein        63 
_refine_hist.pdbx_number_atoms_nucleic_acid   0 
_refine_hist.pdbx_number_atoms_ligand         0 
_refine_hist.pdbx_number_atoms_lipid          ? 
_refine_hist.pdbx_number_atoms_carb           ? 
_refine_hist.pdbx_pseudo_atom_details         ? 
# 
loop_
_refine_ls_restr.pdbx_refine_id 
_refine_ls_restr.criterion 
_refine_ls_restr.dev_ideal 
_refine_ls_restr.dev_ideal_target 
_refine_ls_restr.number 
_refine_ls_restr.rejects 
_refine_ls_restr.type 
_refine_ls_restr.weight 
_refine_ls_restr.pdbx_restraint_function 
'X-RAY DIFFRACTION' ? 0.0123  ? 128 ? f_bond_d           ? ? 
'X-RAY DIFFRACTION' ? 2.6582  ? 176 ? f_angle_d          ? ? 
'X-RAY DIFFRACTION' ? 0.1344  ? 24  ? f_chiral_restr     ? ? 
'X-RAY DIFFRACTION' ? 0.0177  ? 18  ? f_plane_restr      ? ? 
'X-RAY DIFFRACTION' ? 22.0789 ? 68  ? f_dihedral_angle_d ? ? 
# 
loop_
_refine_ls_shell.pdbx_refine_id 
_refine_ls_shell.d_res_high 
_refine_ls_shell.d_res_low 
_refine_ls_shell.number_reflns_all 
_refine_ls_shell.number_reflns_obs 
_refine_ls_shell.number_reflns_R_free 
_refine_ls_shell.number_reflns_R_work 
_refine_ls_shell.percent_reflns_obs 
_refine_ls_shell.percent_reflns_R_free 
_refine_ls_shell.R_factor_all 
_refine_ls_shell.R_factor_obs 
_refine_ls_shell.R_factor_R_free 
_refine_ls_shell.R_factor_R_free_error 
_refine_ls_shell.R_factor_R_work 
_refine_ls_shell.redundancy_reflns_all 
_refine_ls_shell.redundancy_reflns_obs 
_refine_ls_shell.wR_factor_all 
_refine_ls_shell.wR_factor_obs 
_refine_ls_shell.wR_factor_R_free 
_refine_ls_shell.wR_factor_R_work 
_refine_ls_shell.pdbx_R_complete 
_refine_ls_shell.pdbx_total_number_of_bins_used 
_refine_ls_shell.pdbx_phase_error 
_refine_ls_shell.pdbx_fsc_work 
_refine_ls_shell.pdbx_fsc_free 
'X-RAY DIFFRACTION' 0.85 0.90  . . 104 926  69.97 . . . 0.3144 . 0.2848 . . . . . . . . . . . 
'X-RAY DIFFRACTION' 0.90 0.97  . . 139 1228 90.89 . . . 0.1608 . 0.1787 . . . . . . . . . . . 
'X-RAY DIFFRACTION' 0.97 1.07  . . 144 1290 96.57 . . . 0.1197 . 0.1201 . . . . . . . . . . . 
'X-RAY DIFFRACTION' 1.07 1.22  . . 144 1297 97.17 . . . 0.0887 . 0.0859 . . . . . . . . . . . 
'X-RAY DIFFRACTION' 1.22 1.54  . . 147 1321 98.66 . . . 0.0900 . 0.0781 . . . . . . . . . . . 
'X-RAY DIFFRACTION' 1.54 22.46 . . 146 1320 98.06 . . . 0.0792 . 0.0721 . . . . . . . . . . . 
# 
_struct.entry_id                     7UCP 
_struct.title                        'computationally designed macrocycle' 
_struct.pdbx_model_details           ? 
_struct.pdbx_formula_weight          ? 
_struct.pdbx_formula_weight_method   ? 
_struct.pdbx_model_type_details      ? 
_struct.pdbx_CASP_flag               N 
# 
_struct_keywords.entry_id        7UCP 
_struct_keywords.text            'D8.3.p2, cyclic peptide, DE NOVO PROTEIN' 
_struct_keywords.pdbx_keywords   'DE NOVO PROTEIN' 
# 
loop_
_struct_asym.id 
_struct_asym.pdbx_blank_PDB_chainid_flag 
_struct_asym.pdbx_modified 
_struct_asym.entity_id 
_struct_asym.details 
A N N 1 ? 
B N N 2 ? 
# 
_struct_ref.id                         1 
_struct_ref.db_name                    PDB 
_struct_ref.db_code                    7UCP 
_struct_ref.pdbx_db_accession          7UCP 
_struct_ref.pdbx_db_isoform            ? 
_struct_ref.entity_id                  1 
_struct_ref.pdbx_seq_one_letter_code   ? 
_struct_ref.pdbx_align_begin           1 
# 
_struct_ref_seq.align_id                      1 
_struct_ref_seq.ref_id                        1 
_struct_ref_seq.pdbx_PDB_id_code              7UCP 
_struct_ref_seq.pdbx_strand_id                A 
_struct_ref_seq.seq_align_beg                 1 
_struct_ref_seq.pdbx_seq_align_beg_ins_code   ? 
_struct_ref_seq.seq_align_end                 8 
_struct_ref_seq.pdbx_seq_align_end_ins_code   ? 
_struct_ref_seq.pdbx_db_accession             7UCP 
_struct_ref_seq.db_align_beg                  1 
_struct_ref_seq.pdbx_db_align_beg_ins_code    ? 
_struct_ref_seq.db_align_end                  8 
_struct_ref_seq.pdbx_db_align_end_ins_code    ? 
_struct_ref_seq.pdbx_auth_seq_align_beg       1 
_struct_ref_seq.pdbx_auth_seq_align_end       8 
# 
_pdbx_struct_assembly.id                   1 
_pdbx_struct_assembly.details              author_and_software_defined_assembly 
_pdbx_struct_assembly.method_details       PISA 
_pdbx_struct_assembly.oligomeric_details   monomeric 
_pdbx_struct_assembly.oligomeric_count     1 
# 
_pdbx_struct_assembly_gen.assembly_id       1 
_pdbx_struct_assembly_gen.oper_expression   1 
_pdbx_struct_assembly_gen.asym_id_list      A,B 
# 
_pdbx_struct_assembly_auth_evidence.id                     1 
_pdbx_struct_assembly_auth_evidence.assembly_id            1 
_pdbx_struct_assembly_auth_evidence.experimental_support   none 
_pdbx_struct_assembly_auth_evidence.details                ? 
# 
_pdbx_struct_oper_list.id                   1 
_pdbx_struct_oper_list.type                 'identity operation' 
_pdbx_struct_oper_list.name                 1_555 
_pdbx_struct_oper_list.symmetry_operation   x,y,z 
_pdbx_struct_oper_list.matrix[1][1]         1.0000000000 
_pdbx_struct_oper_list.matrix[1][2]         0.0000000000 
_pdbx_struct_oper_list.matrix[1][3]         0.0000000000 
_pdbx_struct_oper_list.vector[1]            0.0000000000 
_pdbx_struct_oper_list.matrix[2][1]         0.0000000000 
_pdbx_struct_oper_list.matrix[2][2]         1.0000000000 
_pdbx_struct_oper_list.matrix[2][3]         0.0000000000 
_pdbx_struct_oper_list.vector[2]            0.0000000000 
_pdbx_struct_oper_list.matrix[3][1]         0.0000000000 
_pdbx_struct_oper_list.matrix[3][2]         0.0000000000 
_pdbx_struct_oper_list.matrix[3][3]         1.0000000000 
_pdbx_struct_oper_list.vector[3]            0.0000000000 
# 
loop_
_struct_conn.id 
_struct_conn.conn_type_id 
_struct_conn.pdbx_leaving_atom_flag 
_struct_conn.pdbx_PDB_id 
_struct_conn.ptnr1_label_asym_id 
_struct_conn.ptnr1_label_comp_id 
_struct_conn.ptnr1_label_seq_id 
_struct_conn.ptnr1_label_atom_id 
_struct_conn.pdbx_ptnr1_label_alt_id 
_struct_conn.pdbx_ptnr1_PDB_ins_code 
_struct_conn.pdbx_ptnr1_standard_comp_id 
_struct_conn.ptnr1_symmetry 
_struct_conn.ptnr2_label_asym_id 
_struct_conn.ptnr2_label_comp_id 
_struct_conn.ptnr2_label_seq_id 
_struct_conn.ptnr2_label_atom_id 
_struct_conn.pdbx_ptnr2_label_alt_id 
_struct_conn.pdbx_ptnr2_PDB_ins_code 
_struct_conn.ptnr1_auth_asym_id 
_struct_conn.ptnr1_auth_comp_id 
_struct_conn.ptnr1_auth_seq_id 
_struct_conn.ptnr2_auth_asym_id 
_struct_conn.ptnr2_auth_comp_id 
_struct_conn.ptnr2_auth_seq_id 
_struct_conn.ptnr2_symmetry 
_struct_conn.pdbx_ptnr3_label_atom_id 
_struct_conn.pdbx_ptnr3_label_seq_id 
_struct_conn.pdbx_ptnr3_label_comp_id 
_struct_conn.pdbx_ptnr3_label_asym_id 
_struct_conn.pdbx_ptnr3_label_alt_id 
_struct_conn.pdbx_ptnr3_PDB_ins_code 
_struct_conn.details 
_struct_conn.pdbx_dist_value 
_struct_conn.pdbx_value_order 
_struct_conn.pdbx_role 
covale1  covale both ? A LEU 1 N A ? ? 1_555 A MLE 8 C A ? A LEU 1 A MLE 8 1_555 ? ? ? ? ? ? ? 1.348 ? ? 
covale2  covale both ? A LEU 1 N B ? ? 1_555 A MLE 8 C B ? A LEU 1 A MLE 8 1_555 ? ? ? ? ? ? ? 1.313 ? ? 
covale3  covale both ? A VAL 2 C A ? ? 1_555 A DPR 3 N A ? A VAL 2 A DPR 3 1_555 ? ? ? ? ? ? ? 1.335 ? ? 
covale4  covale both ? A VAL 2 C B ? ? 1_555 A DPR 3 N B ? A VAL 2 A DPR 3 1_555 ? ? ? ? ? ? ? 1.338 ? ? 
covale5  covale both ? A DPR 3 C A ? ? 1_555 A MLE 4 N A ? A DPR 3 A MLE 4 1_555 ? ? ? ? ? ? ? 1.351 ? ? 
covale6  covale both ? A DPR 3 C B ? ? 1_555 A MLE 4 N B ? A DPR 3 A MLE 4 1_555 ? ? ? ? ? ? ? 1.317 ? ? 
covale7  covale both ? A MLE 4 C A ? ? 1_555 A LEU 5 N A ? A MLE 4 A LEU 5 1_555 ? ? ? ? ? ? ? 1.340 ? ? 
covale8  covale both ? A MLE 4 C B ? ? 1_555 A LEU 5 N B ? A MLE 4 A LEU 5 1_555 ? ? ? ? ? ? ? 1.344 ? ? 
covale9  covale both ? A ILE 6 C A ? ? 1_555 A DPR 7 N A ? A ILE 6 A DPR 7 1_555 ? ? ? ? ? ? ? 1.338 ? ? 
covale10 covale both ? A ILE 6 C B ? ? 1_555 A DPR 7 N B ? A ILE 6 A DPR 7 1_555 ? ? ? ? ? ? ? 1.328 ? ? 
covale11 covale both ? A DPR 7 C A ? ? 1_555 A MLE 8 N A ? A DPR 7 A MLE 8 1_555 ? ? ? ? ? ? ? 1.312 ? ? 
covale12 covale both ? A DPR 7 C B ? ? 1_555 A MLE 8 N B ? A DPR 7 A MLE 8 1_555 ? ? ? ? ? ? ? 1.340 ? ? 
# 
_struct_conn_type.id          covale 
_struct_conn_type.criteria    ? 
_struct_conn_type.reference   ? 
# 
loop_
_pdbx_modification_feature.ordinal 
_pdbx_modification_feature.label_comp_id 
_pdbx_modification_feature.label_asym_id 
_pdbx_modification_feature.label_seq_id 
_pdbx_modification_feature.label_alt_id 
_pdbx_modification_feature.modified_residue_label_comp_id 
_pdbx_modification_feature.modified_residue_label_asym_id 
_pdbx_modification_feature.modified_residue_label_seq_id 
_pdbx_modification_feature.modified_residue_label_alt_id 
_pdbx_modification_feature.auth_comp_id 
_pdbx_modification_feature.auth_asym_id 
_pdbx_modification_feature.auth_seq_id 
_pdbx_modification_feature.PDB_ins_code 
_pdbx_modification_feature.symmetry 
_pdbx_modification_feature.modified_residue_auth_comp_id 
_pdbx_modification_feature.modified_residue_auth_asym_id 
_pdbx_modification_feature.modified_residue_auth_seq_id 
_pdbx_modification_feature.modified_residue_PDB_ins_code 
_pdbx_modification_feature.modified_residue_symmetry 
_pdbx_modification_feature.comp_id_linking_atom 
_pdbx_modification_feature.modified_residue_id_linking_atom 
_pdbx_modification_feature.modified_residue_id 
_pdbx_modification_feature.ref_pcm_id 
_pdbx_modification_feature.ref_comp_id 
_pdbx_modification_feature.type 
_pdbx_modification_feature.category 
1 MLE A 4 A .   . . . MLE A 4 ? 1_555 .   . . . .     . . LEU 1 MLE Methylation 'Named protein modification' 
2 MLE A 4 B .   . . . MLE A 4 ? 1_555 .   . . . .     . . LEU 1 MLE Methylation 'Named protein modification' 
3 MLE A 8 A .   . . . MLE A 8 ? 1_555 .   . . . .     . . LEU 1 MLE Methylation 'Named protein modification' 
4 MLE A 8 B .   . . . MLE A 8 ? 1_555 .   . . . .     . . LEU 1 MLE Methylation 'Named protein modification' 
5 LEU A 1 A MLE A 8 A LEU A 1 ? 1_555 MLE A 8 ? 1_555 N C .   . .   None        'Non-standard linkage'       
6 LEU A 1 B MLE A 8 B LEU A 1 ? 1_555 MLE A 8 ? 1_555 N C .   . .   None        'Non-standard linkage'       
# 
_pdbx_entry_details.entry_id                   7UCP 
_pdbx_entry_details.has_ligand_of_interest     N 
_pdbx_entry_details.compound_details           ? 
_pdbx_entry_details.source_details             ? 
_pdbx_entry_details.nonpolymer_details         ? 
_pdbx_entry_details.sequence_details           ? 
_pdbx_entry_details.has_protein_modification   Y 
# 
loop_
_chem_comp_atom.comp_id 
_chem_comp_atom.atom_id 
_chem_comp_atom.type_symbol 
_chem_comp_atom.pdbx_aromatic_flag 
_chem_comp_atom.pdbx_stereo_config 
_chem_comp_atom.pdbx_ordinal 
DPR N    N N N 1   
DPR CA   C N R 2   
DPR CB   C N N 3   
DPR CG   C N N 4   
DPR CD   C N N 5   
DPR C    C N N 6   
DPR O    O N N 7   
DPR OXT  O N N 8   
DPR H    H N N 9   
DPR HA   H N N 10  
DPR HB2  H N N 11  
DPR HB3  H N N 12  
DPR HG2  H N N 13  
DPR HG3  H N N 14  
DPR HD2  H N N 15  
DPR HD3  H N N 16  
DPR HXT  H N N 17  
HOH O    O N N 18  
HOH H1   H N N 19  
HOH H2   H N N 20  
ILE N    N N N 21  
ILE CA   C N S 22  
ILE C    C N N 23  
ILE O    O N N 24  
ILE CB   C N S 25  
ILE CG1  C N N 26  
ILE CG2  C N N 27  
ILE CD1  C N N 28  
ILE OXT  O N N 29  
ILE H    H N N 30  
ILE H2   H N N 31  
ILE HA   H N N 32  
ILE HB   H N N 33  
ILE HG12 H N N 34  
ILE HG13 H N N 35  
ILE HG21 H N N 36  
ILE HG22 H N N 37  
ILE HG23 H N N 38  
ILE HD11 H N N 39  
ILE HD12 H N N 40  
ILE HD13 H N N 41  
ILE HXT  H N N 42  
LEU N    N N N 43  
LEU CA   C N S 44  
LEU C    C N N 45  
LEU O    O N N 46  
LEU CB   C N N 47  
LEU CG   C N N 48  
LEU CD1  C N N 49  
LEU CD2  C N N 50  
LEU OXT  O N N 51  
LEU H    H N N 52  
LEU H2   H N N 53  
LEU HA   H N N 54  
LEU HB2  H N N 55  
LEU HB3  H N N 56  
LEU HG   H N N 57  
LEU HD11 H N N 58  
LEU HD12 H N N 59  
LEU HD13 H N N 60  
LEU HD21 H N N 61  
LEU HD22 H N N 62  
LEU HD23 H N N 63  
LEU HXT  H N N 64  
MLE N    N N N 65  
MLE CN   C N N 66  
MLE CA   C N S 67  
MLE CB   C N N 68  
MLE CG   C N N 69  
MLE CD1  C N N 70  
MLE CD2  C N N 71  
MLE C    C N N 72  
MLE O    O N N 73  
MLE OXT  O N N 74  
MLE H    H N N 75  
MLE HN1  H N N 76  
MLE HN2  H N N 77  
MLE HN3  H N N 78  
MLE HA   H N N 79  
MLE HB2  H N N 80  
MLE HB3  H N N 81  
MLE HG   H N N 82  
MLE HD11 H N N 83  
MLE HD12 H N N 84  
MLE HD13 H N N 85  
MLE HD21 H N N 86  
MLE HD22 H N N 87  
MLE HD23 H N N 88  
MLE HXT  H N N 89  
VAL N    N N N 90  
VAL CA   C N S 91  
VAL C    C N N 92  
VAL O    O N N 93  
VAL CB   C N N 94  
VAL CG1  C N N 95  
VAL CG2  C N N 96  
VAL OXT  O N N 97  
VAL H    H N N 98  
VAL H2   H N N 99  
VAL HA   H N N 100 
VAL HB   H N N 101 
VAL HG11 H N N 102 
VAL HG12 H N N 103 
VAL HG13 H N N 104 
VAL HG21 H N N 105 
VAL HG22 H N N 106 
VAL HG23 H N N 107 
VAL HXT  H N N 108 
# 
loop_
_chem_comp_bond.comp_id 
_chem_comp_bond.atom_id_1 
_chem_comp_bond.atom_id_2 
_chem_comp_bond.value_order 
_chem_comp_bond.pdbx_aromatic_flag 
_chem_comp_bond.pdbx_stereo_config 
_chem_comp_bond.pdbx_ordinal 
DPR N   CA   sing N N 1   
DPR N   CD   sing N N 2   
DPR N   H    sing N N 3   
DPR CA  CB   sing N N 4   
DPR CA  C    sing N N 5   
DPR CA  HA   sing N N 6   
DPR CB  CG   sing N N 7   
DPR CB  HB2  sing N N 8   
DPR CB  HB3  sing N N 9   
DPR CG  CD   sing N N 10  
DPR CG  HG2  sing N N 11  
DPR CG  HG3  sing N N 12  
DPR CD  HD2  sing N N 13  
DPR CD  HD3  sing N N 14  
DPR C   O    doub N N 15  
DPR C   OXT  sing N N 16  
DPR OXT HXT  sing N N 17  
HOH O   H1   sing N N 18  
HOH O   H2   sing N N 19  
ILE N   CA   sing N N 20  
ILE N   H    sing N N 21  
ILE N   H2   sing N N 22  
ILE CA  C    sing N N 23  
ILE CA  CB   sing N N 24  
ILE CA  HA   sing N N 25  
ILE C   O    doub N N 26  
ILE C   OXT  sing N N 27  
ILE CB  CG1  sing N N 28  
ILE CB  CG2  sing N N 29  
ILE CB  HB   sing N N 30  
ILE CG1 CD1  sing N N 31  
ILE CG1 HG12 sing N N 32  
ILE CG1 HG13 sing N N 33  
ILE CG2 HG21 sing N N 34  
ILE CG2 HG22 sing N N 35  
ILE CG2 HG23 sing N N 36  
ILE CD1 HD11 sing N N 37  
ILE CD1 HD12 sing N N 38  
ILE CD1 HD13 sing N N 39  
ILE OXT HXT  sing N N 40  
LEU N   CA   sing N N 41  
LEU N   H    sing N N 42  
LEU N   H2   sing N N 43  
LEU CA  C    sing N N 44  
LEU CA  CB   sing N N 45  
LEU CA  HA   sing N N 46  
LEU C   O    doub N N 47  
LEU C   OXT  sing N N 48  
LEU CB  CG   sing N N 49  
LEU CB  HB2  sing N N 50  
LEU CB  HB3  sing N N 51  
LEU CG  CD1  sing N N 52  
LEU CG  CD2  sing N N 53  
LEU CG  HG   sing N N 54  
LEU CD1 HD11 sing N N 55  
LEU CD1 HD12 sing N N 56  
LEU CD1 HD13 sing N N 57  
LEU CD2 HD21 sing N N 58  
LEU CD2 HD22 sing N N 59  
LEU CD2 HD23 sing N N 60  
LEU OXT HXT  sing N N 61  
MLE N   CN   sing N N 62  
MLE N   CA   sing N N 63  
MLE N   H    sing N N 64  
MLE CN  HN1  sing N N 65  
MLE CN  HN2  sing N N 66  
MLE CN  HN3  sing N N 67  
MLE CA  CB   sing N N 68  
MLE CA  C    sing N N 69  
MLE CA  HA   sing N N 70  
MLE CB  CG   sing N N 71  
MLE CB  HB2  sing N N 72  
MLE CB  HB3  sing N N 73  
MLE CG  CD1  sing N N 74  
MLE CG  CD2  sing N N 75  
MLE CG  HG   sing N N 76  
MLE CD1 HD11 sing N N 77  
MLE CD1 HD12 sing N N 78  
MLE CD1 HD13 sing N N 79  
MLE CD2 HD21 sing N N 80  
MLE CD2 HD22 sing N N 81  
MLE CD2 HD23 sing N N 82  
MLE C   O    doub N N 83  
MLE C   OXT  sing N N 84  
MLE OXT HXT  sing N N 85  
VAL N   CA   sing N N 86  
VAL N   H    sing N N 87  
VAL N   H2   sing N N 88  
VAL CA  C    sing N N 89  
VAL CA  CB   sing N N 90  
VAL CA  HA   sing N N 91  
VAL C   O    doub N N 92  
VAL C   OXT  sing N N 93  
VAL CB  CG1  sing N N 94  
VAL CB  CG2  sing N N 95  
VAL CB  HB   sing N N 96  
VAL CG1 HG11 sing N N 97  
VAL CG1 HG12 sing N N 98  
VAL CG1 HG13 sing N N 99  
VAL CG2 HG21 sing N N 100 
VAL CG2 HG22 sing N N 101 
VAL CG2 HG23 sing N N 102 
VAL OXT HXT  sing N N 103 
# 
_pdbx_audit_support.funding_organization   
'National Institutes of Health/National Institute of General Medical Sciences (NIH/NIGMS)' 
_pdbx_audit_support.country                'United States' 
_pdbx_audit_support.grant_number           GM124165 
_pdbx_audit_support.ordinal                1 
# 
_atom_sites.entry_id                    7UCP 
_atom_sites.Cartn_transf_matrix[1][1]   ? 
_atom_sites.Cartn_transf_matrix[1][2]   ? 
_atom_sites.Cartn_transf_matrix[1][3]   ? 
_atom_sites.Cartn_transf_matrix[2][1]   ? 
_atom_sites.Cartn_transf_matrix[2][2]   ? 
_atom_sites.Cartn_transf_matrix[2][3]   ? 
_atom_sites.Cartn_transf_matrix[3][1]   ? 
_atom_sites.Cartn_transf_matrix[3][2]   ? 
_atom_sites.Cartn_transf_matrix[3][3]   ? 
_atom_sites.Cartn_transf_vector[1]      ? 
_atom_sites.Cartn_transf_vector[2]      ? 
_atom_sites.Cartn_transf_vector[3]      ? 
_atom_sites.fract_transf_matrix[1][1]   -0.03016575 
_atom_sites.fract_transf_matrix[1][2]   0.08588289 
_atom_sites.fract_transf_matrix[1][3]   -0.04227503 
_atom_sites.fract_transf_matrix[2][1]   0.02115071 
_atom_sites.fract_transf_matrix[2][2]   0.00684301 
_atom_sites.fract_transf_matrix[2][3]   -0.00119052 
_atom_sites.fract_transf_matrix[3][1]   0.00130598 
_atom_sites.fract_transf_matrix[3][2]   -0.01910968 
_atom_sites.fract_transf_matrix[3][3]   -0.08663893 
_atom_sites.fract_transf_vector[1]      0.698667 
_atom_sites.fract_transf_vector[2]      0.623763 
_atom_sites.fract_transf_vector[3]      1.386195 
_atom_sites.solution_primary            ? 
_atom_sites.solution_secondary          ? 
_atom_sites.solution_hydrogens          ? 
_atom_sites.special_details             ? 
# 
loop_
_atom_type.symbol 
C 
H 
N 
O 
# 
loop_
_atom_site.group_PDB 
_atom_site.id 
_atom_site.type_symbol 
_atom_site.label_atom_id 
_atom_site.label_alt_id 
_atom_site.label_comp_id 
_atom_site.label_asym_id 
_atom_site.label_entity_id 
_atom_site.label_seq_id 
_atom_site.pdbx_PDB_ins_code 
_atom_site.Cartn_x 
_atom_site.Cartn_y 
_atom_site.Cartn_z 
_atom_site.occupancy 
_atom_site.B_iso_or_equiv 
_atom_site.pdbx_formal_charge 
_atom_site.auth_seq_id 
_atom_site.auth_comp_id 
_atom_site.auth_asym_id 
_atom_site.auth_atom_id 
_atom_site.pdbx_PDB_model_num 
ATOM   1   N N    A LEU A 1 1 ? -0.45477 1.36939  -2.24306 0.700 3.82433  ? 1   LEU A N    1 
ATOM   2   N N    B LEU A 1 1 ? 0.20931  -1.44723 2.00446  0.300 5.43096  ? 1   LEU A N    1 
ATOM   3   C CA   A LEU A 1 1 ? -1.77827 1.86675  -2.58983 0.700 3.87954  ? 1   LEU A CA   1 
ATOM   4   C CA   B LEU A 1 1 ? -0.67529 -2.51972 1.57223  0.300 6.44256  ? 1   LEU A CA   1 
ATOM   5   C C    A LEU A 1 1 ? -2.56760 2.33095  -1.37887 0.700 3.85450  ? 1   LEU A C    1 
ATOM   6   C C    B LEU A 1 1 ? -0.80855 -2.38857 0.05219  0.300 4.73418  ? 1   LEU A C    1 
ATOM   7   O O    A LEU A 1 1 ? -3.30426 3.32800  -1.46139 0.700 4.30301  ? 1   LEU A O    1 
ATOM   8   O O    B LEU A 1 1 ? -1.01653 -1.29935 -0.48615 0.300 5.47104  ? 1   LEU A O    1 
ATOM   9   C CB   A LEU A 1 1 ? -2.57332 0.85014  -3.40993 0.700 4.25657  ? 1   LEU A CB   1 
ATOM   10  C CB   B LEU A 1 1 ? -2.07899 -2.40465 2.16578  0.300 4.68942  ? 1   LEU A CB   1 
ATOM   11  C CG   A LEU A 1 1 ? -1.97453 0.55033  -4.77984 0.700 4.52444  ? 1   LEU A CG   1 
ATOM   12  C CG   B LEU A 1 1 ? -2.29995 -2.78958 3.61971  0.300 4.70324  ? 1   LEU A CG   1 
ATOM   13  C CD1  A LEU A 1 1 ? -2.83048 -0.52535 -5.45059 0.700 6.80064  ? 1   LEU A CD1  1 
ATOM   14  C CD1  B LEU A 1 1 ? -3.60223 -2.19661 4.14318  0.300 5.69228  ? 1   LEU A CD1  1 
ATOM   15  C CD2  A LEU A 1 1 ? -1.90466 1.77411  -5.68574 0.700 5.72044  ? 1   LEU A CD2  1 
ATOM   16  C CD2  B LEU A 1 1 ? -2.34894 -4.31213 3.77762  0.300 7.81996  ? 1   LEU A CD2  1 
ATOM   17  H H1   A LEU A 1 1 ? -0.26517 0.53355  -2.31393 0.700 5.16397  ? 1   LEU A H1   1 
ATOM   18  H H1   B LEU A 1 1 ? 0.03769  -0.65994 1.70430  0.300 7.22397  ? 1   LEU A H1   1 
ATOM   19  H HA   A LEU A 1 1 ? -1.64559 2.65218  -3.16049 0.700 5.21397  ? 1   LEU A HA   1 
ATOM   20  H HA   B LEU A 1 1 ? -0.28541 -3.38901 1.80057  0.300 8.44397  ? 1   LEU A HA   1 
ATOM   21  H HB2  A LEU A 1 1 ? -2.63193 0.02217  -2.90866 0.700 5.53397  ? 1   LEU A HB2  1 
ATOM   22  H HB2  B LEU A 1 1 ? -2.36601 -1.48374 2.06075  0.300 6.32397  ? 1   LEU A HB2  1 
ATOM   23  H HB3  A LEU A 1 1 ? -3.47578 1.18500  -3.53119 0.700 5.53397  ? 1   LEU A HB3  1 
ATOM   24  H HB3  B LEU A 1 1 ? -2.67080 -2.95011 1.62479  0.300 6.32397  ? 1   LEU A HB3  1 
ATOM   25  H HG   A LEU A 1 1 ? -1.06770 0.19919  -4.65595 0.700 6.05397  ? 1   LEU A HG   1 
ATOM   26  H HG   B LEU A 1 1 ? -1.55654 -2.44040 4.15507  0.300 6.04397  ? 1   LEU A HG   1 
ATOM   27  H HD11 A LEU A 1 1 ? -2.46830 -0.72829 -6.31596 0.700 11.10397 ? 1   LEU A HD11 1 
ATOM   28  H HD11 B LEU A 1 1 ? -3.72396 -2.45124 5.06086  0.300 9.67397  ? 1   LEU A HD11 1 
ATOM   29  H HD12 A LEU A 1 1 ? -2.82958 -1.31879 -4.90893 0.700 11.10397 ? 1   LEU A HD12 1 
ATOM   30  H HD12 B LEU A 1 1 ? -3.56723 -1.23913 4.07897  0.300 9.67397  ? 1   LEU A HD12 1 
ATOM   31  H HD13 A LEU A 1 1 ? -3.73019 -0.20450 -5.54721 0.700 11.10397 ? 1   LEU A HD13 1 
ATOM   32  H HD13 B LEU A 1 1 ? -4.33759 -2.52608 3.62100  0.300 9.67397  ? 1   LEU A HD13 1 
ATOM   33  H HD21 A LEU A 1 1 ? -1.52011 1.52533  -6.52939 0.700 9.54397  ? 1   LEU A HD21 1 
ATOM   34  H HD21 B LEU A 1 1 ? -2.48873 -4.53274 4.70084  0.300 13.19397 ? 1   LEU A HD21 1 
ATOM   35  H HD22 A LEU A 1 1 ? -2.78848 2.11971  -5.82547 0.700 9.54397  ? 1   LEU A HD22 1 
ATOM   36  H HD22 B LEU A 1 1 ? -3.06971 -4.66478 3.25053  0.300 13.19397 ? 1   LEU A HD22 1 
ATOM   37  H HD23 A LEU A 1 1 ? -1.35909 2.44689  -5.27184 0.700 9.54397  ? 1   LEU A HD23 1 
ATOM   38  H HD23 B LEU A 1 1 ? -1.51883 -4.69150 3.47951  0.300 13.19397 ? 1   LEU A HD23 1 
ATOM   39  N N    A VAL A 1 2 ? -2.46779 1.57723  -0.27300 0.700 4.14716  ? 2   VAL A N    1 
ATOM   40  N N    B VAL A 1 2 ? -0.62866 -3.54087 -0.58912 0.300 4.79464  ? 2   VAL A N    1 
ATOM   41  C CA   A VAL A 1 2 ? -3.20296 1.87742  0.95754  0.700 3.78766  ? 2   VAL A CA   1 
ATOM   42  C CA   B VAL A 1 2 ? -0.61551 -3.61040 -2.04529 0.300 5.14789  ? 2   VAL A CA   1 
ATOM   43  C C    A VAL A 1 2 ? -2.15291 1.81645  2.07753  0.700 3.79990  ? 2   VAL A C    1 
ATOM   44  C C    B VAL A 1 2 ? 0.37394  -2.60357 -2.61499 0.300 4.64338  ? 2   VAL A C    1 
ATOM   45  O O    A VAL A 1 2 ? -1.98302 0.74705  2.68876  0.700 4.47414  ? 2   VAL A O    1 
ATOM   46  O O    B VAL A 1 2 ? 0.06691  -1.70229 -3.39398 0.300 3.31129  ? 2   VAL A O    1 
ATOM   47  C CB   A VAL A 1 2 ? -4.39649 0.96220  1.21413  0.700 4.16340  ? 2   VAL A CB   1 
ATOM   48  C CB   B VAL A 1 2 ? -2.03079 -3.43582 -2.62437 0.300 7.54751  ? 2   VAL A CB   1 
ATOM   49  C CG1  A VAL A 1 2 ? -5.04999 1.34400  2.55080  0.700 4.99588  ? 2   VAL A CG1  1 
ATOM   50  C CG1  B VAL A 1 2 ? -2.09421 -3.84291 -4.09019 0.300 11.02785 ? 2   VAL A CG1  1 
ATOM   51  C CG2  A VAL A 1 2 ? -5.38687 1.05775  0.06283  0.700 6.62377  ? 2   VAL A CG2  1 
ATOM   52  C CG2  B VAL A 1 2 ? -3.01665 -4.24272 -1.79556 0.300 9.87883  ? 2   VAL A CG2  1 
ATOM   53  H H    A VAL A 1 2 ? -1.95055 0.89012  -0.28776 0.700 5.71397  ? 2   VAL A H    1 
ATOM   54  H H    B VAL A 1 2 ? -0.51721 -4.26154 -0.13353 0.300 6.39397  ? 2   VAL A H    1 
ATOM   55  H HA   A VAL A 1 2 ? -3.53179 2.79881  0.89785  0.700 5.12397  ? 2   VAL A HA   1 
ATOM   56  H HA   B VAL A 1 2 ? -0.30336 -4.50493 -2.29595 0.300 6.74397  ? 2   VAL A HA   1 
ATOM   57  H HB   A VAL A 1 2 ? -4.07623 0.03825  1.27527  0.700 5.54397  ? 2   VAL A HB   1 
ATOM   58  H HB   B VAL A 1 2 ? -2.27519 -2.48977 -2.55713 0.300 9.68397  ? 2   VAL A HB   1 
ATOM   59  H HG11 A VAL A 1 2 ? -5.80102 0.76912  2.71441  0.700 8.58397  ? 2   VAL A HG11 1 
ATOM   60  H HG11 B VAL A 1 2 ? -1.46482 -3.32226 -4.59496 0.300 18.17397 ? 2   VAL A HG11 1 
ATOM   61  H HG12 A VAL A 1 2 ? -4.41050 1.24420  3.25941  0.700 8.58397  ? 2   VAL A HG12 1 
ATOM   62  H HG12 B VAL A 1 2 ? -1.87956 -4.77473 -4.17433 0.300 18.17397 ? 2   VAL A HG12 1 
ATOM   63  H HG13 A VAL A 1 2 ? -5.34597 2.25554  2.51324  0.700 8.58397  ? 2   VAL A HG13 1 
ATOM   64  H HG13 B VAL A 1 2 ? -2.98033 -3.68728 -4.42771 0.300 18.17397 ? 2   VAL A HG13 1 
ATOM   65  H HG21 A VAL A 1 2 ? -6.13327 0.47953  0.23339  0.700 10.90397 ? 2   VAL A HG21 1 
ATOM   66  H HG21 B VAL A 1 2 ? -2.96018 -3.97107 -0.87656 0.300 15.70397 ? 2   VAL A HG21 1 
ATOM   67  H HG22 A VAL A 1 2 ? -5.69609 1.96354  -0.01872 0.700 10.90397 ? 2   VAL A HG22 1 
ATOM   68  H HG22 B VAL A 1 2 ? -3.90772 -4.08892 -2.11943 0.300 15.70397 ? 2   VAL A HG22 1 
ATOM   69  H HG23 A VAL A 1 2 ? -4.95533 0.79223  -0.75287 0.700 10.90397 ? 2   VAL A HG23 1 
ATOM   70  H HG23 B VAL A 1 2 ? -2.80696 -5.17637 -1.86606 0.300 15.70397 ? 2   VAL A HG23 1 
HETATM 71  N N    A DPR A 1 3 ? -1.37280 2.85926  2.37135  0.700 3.54286  ? 3   DPR A N    1 
HETATM 72  N N    B DPR A 1 3 ? 1.64624  -2.78166 -2.24007 0.300 4.20505  ? 3   DPR A N    1 
HETATM 73  C CA   A DPR A 1 3 ? -0.27645 2.69583  3.35078  0.700 4.29073  ? 3   DPR A CA   1 
HETATM 74  C CA   B DPR A 1 3 ? 2.70549  -1.78729 -2.53867 0.300 4.72018  ? 3   DPR A CA   1 
HETATM 75  C CB   A DPR A 1 3 ? 0.32780  4.12207  3.41605  0.700 5.28860  ? 3   DPR A CB   1 
HETATM 76  C CB   B DPR A 1 3 ? 4.00301  -2.53473 -2.09003 0.300 8.55901  ? 3   DPR A CB   1 
HETATM 77  C CG   A DPR A 1 3 ? 0.09156  4.66650  2.03065  0.700 6.63441  ? 3   DPR A CG   1 
HETATM 78  C CG   B DPR A 1 3 ? 3.61351  -4.00550 -2.03675 0.300 9.89086  ? 3   DPR A CG   1 
HETATM 79  C CD   A DPR A 1 3 ? -1.26536 4.12359  1.61788  0.700 3.83011  ? 3   DPR A CD   1 
HETATM 80  C CD   B DPR A 1 3 ? 2.18288  -3.96614 -1.57131 0.300 8.12279  ? 3   DPR A CD   1 
HETATM 81  C C    A DPR A 1 3 ? 0.72435  1.69819  2.79322  0.700 4.33792  ? 3   DPR A C    1 
HETATM 82  C C    B DPR A 1 3 ? 2.46651  -0.54248 -1.68618 0.300 3.36413  ? 3   DPR A C    1 
HETATM 83  O O    A DPR A 1 3 ? 1.10562  1.80265  1.62172  0.700 6.41301  ? 3   DPR A O    1 
HETATM 84  O O    B DPR A 1 3 ? 2.45048  -0.67522 -0.45275 0.300 5.52535  ? 3   DPR A O    1 
HETATM 85  H HA   A DPR A 1 3 ? -0.61703 2.41041  4.22382  0.700 5.73397  ? 3   DPR A HA   1 
HETATM 86  H HA   B DPR A 1 3 ? 2.73097  -1.56689 -3.49327 0.300 6.38397  ? 3   DPR A HA   1 
HETATM 87  H HB2  A DPR A 1 3 ? -0.12289 4.66196  4.08491  0.700 7.04397  ? 3   DPR A HB2  1 
HETATM 88  H HB2  B DPR A 1 3 ? 4.71895  -2.39267 -2.72813 0.300 10.99397 ? 3   DPR A HB2  1 
HETATM 89  H HB3  A DPR A 1 3 ? 1.27559  4.09116  3.62150  0.700 7.04397  ? 3   DPR A HB3  1 
HETATM 90  H HB3  B DPR A 1 3 ? 4.29398  -2.22522 -1.21886 0.300 10.99397 ? 3   DPR A HB3  1 
HETATM 91  H HG2  A DPR A 1 3 ? 0.78238  4.36410  1.42057  0.700 8.64397  ? 3   DPR A HG2  1 
HETATM 92  H HG2  B DPR A 1 3 ? 3.68519  -4.41827 -2.91142 0.300 12.77397 ? 3   DPR A HG2  1 
HETATM 93  H HG3  A DPR A 1 3 ? 0.08434  5.63711  2.03973  0.700 8.64397  ? 3   DPR A HG3  1 
HETATM 94  H HG3  B DPR A 1 3 ? 4.17114  -4.49117 -1.41017 0.300 12.77397 ? 3   DPR A HG3  1 
HETATM 95  H HD2  A DPR A 1 3 ? -1.97539 4.73745  1.86300  0.700 4.93397  ? 3   DPR A HD2  1 
HETATM 96  H HD2  B DPR A 1 3 ? 1.70575  -4.76683 -1.84125 0.300 10.50397 ? 3   DPR A HD2  1 
HETATM 97  H HD3  A DPR A 1 3 ? -1.30022 3.96420  0.66216  0.700 4.93397  ? 3   DPR A HD3  1 
HETATM 98  H HD3  B DPR A 1 3 ? 2.13148  -3.87708 -0.60752 0.300 10.50397 ? 3   DPR A HD3  1 
HETATM 99  N N    A MLE A 1 4 ? 1.13278  0.63754  3.52287  0.700 3.58380  ? 4   MLE A N    1 
HETATM 100 N N    B MLE A 1 4 ? 2.14174  0.59998  -2.25441 0.300 4.00045  ? 4   MLE A N    1 
HETATM 101 C CN   A MLE A 1 4 ? 0.48297  0.33418  4.82022  0.700 3.97916  ? 4   MLE A CN   1 
HETATM 102 C CN   B MLE A 1 4 ? 2.21866  0.62193  -3.73491 0.300 5.72538  ? 4   MLE A CN   1 
HETATM 103 C CA   A MLE A 1 4 ? 2.02841  -0.35565 2.93611  0.700 3.86690  ? 4   MLE A CA   1 
HETATM 104 C CA   B MLE A 1 4 ? 1.87680  1.82254  -1.50494 0.300 4.21537  ? 4   MLE A CA   1 
HETATM 105 C CB   A MLE A 1 4 ? 3.18858  -0.72313 3.85807  0.700 5.06570  ? 4   MLE A CB   1 
HETATM 106 C CB   B MLE A 1 4 ? 2.92425  2.88832  -1.78977 0.300 8.56955  ? 4   MLE A CB   1 
HETATM 107 C CG   A MLE A 1 4 ? 3.89942  0.46365  4.51544  0.700 6.35588  ? 4   MLE A CG   1 
HETATM 108 C CG   B MLE A 1 4 ? 4.32732  2.53092  -1.31905 0.300 6.06691  ? 4   MLE A CG   1 
HETATM 109 C CD1  A MLE A 1 4 ? 4.99957  -0.03614 5.46158  0.700 8.29668  ? 4   MLE A CD1  1 
HETATM 110 C CD1  B MLE A 1 4 ? 5.33374  3.63864  -1.60555 0.300 13.08690 ? 4   MLE A CD1  1 
HETATM 111 C CD2  A MLE A 1 4 ? 4.48188  1.37827  3.44069  0.700 7.61293  ? 4   MLE A CD2  1 
HETATM 112 C CD2  B MLE A 1 4 ? 4.39997  2.11538  0.14504  0.300 12.01737 ? 4   MLE A CD2  1 
HETATM 113 C C    A MLE A 1 4 ? 1.30238  -1.57533 2.39945  0.700 3.41606  ? 4   MLE A C    1 
HETATM 114 C C    B MLE A 1 4 ? 0.47635  2.30520  -1.82607 0.300 3.35958  ? 4   MLE A C    1 
HETATM 115 O O    A MLE A 1 4 ? 1.92920  -2.61434 2.19667  0.700 4.04684  ? 4   MLE A O    1 
HETATM 116 O O    B MLE A 1 4 ? 0.15027  3.47676  -1.67052 0.300 7.15092  ? 4   MLE A O    1 
HETATM 117 H HN1  A MLE A 1 4 ? 0.88952  -0.44517 5.20718  0.700 6.63397  ? 4   MLE A HN1  1 
HETATM 118 H HN1  B MLE A 1 4 ? 1.96492  1.49035  -4.05523 0.300 9.40397  ? 4   MLE A HN1  1 
HETATM 119 H HN2  A MLE A 1 4 ? 0.59195  1.08011  5.41521  0.700 6.63397  ? 4   MLE A HN2  1 
HETATM 120 H HN2  B MLE A 1 4 ? 3.11797  0.42945  -4.01072 0.300 9.40397  ? 4   MLE A HN2  1 
HETATM 121 H HN3  A MLE A 1 4 ? -0.45219 0.17133  4.67921  0.700 6.63397  ? 4   MLE A HN3  1 
HETATM 122 H HN3  B MLE A 1 4 ? 1.62390  -0.03924 -4.09578 0.300 9.40397  ? 4   MLE A HN3  1 
HETATM 123 H HA   A MLE A 1 4 ? 2.43356  0.07823  2.15625  0.700 5.09397  ? 4   MLE A HA   1 
HETATM 124 H HA   B MLE A 1 4 ? 1.91268  1.60781  -0.54964 0.300 5.56397  ? 4   MLE A HA   1 
HETATM 125 H HB2  A MLE A 1 4 ? 3.84151  -1.22631 3.34700  0.700 6.57397  ? 4   MLE A HB2  1 
HETATM 126 H HB2  B MLE A 1 4 ? 2.65288  3.71412  -1.35947 0.300 11.14397 ? 4   MLE A HB2  1 
HETATM 127 H HB3  A MLE A 1 4 ? 2.85340  -1.30599 4.55715  0.700 6.57397  ? 4   MLE A HB3  1 
HETATM 128 H HB3  B MLE A 1 4 ? 2.95029  3.05137  -2.74605 0.300 11.14397 ? 4   MLE A HB3  1 
HETATM 129 H HG   A MLE A 1 4 ? 3.24348  0.97159  5.03771  0.700 8.40397  ? 4   MLE A HG   1 
HETATM 130 H HG   B MLE A 1 4 ? 4.60909  1.75394  -1.84496 0.300 7.92397  ? 4   MLE A HG   1 
HETATM 131 H HD11 A MLE A 1 4 ? 4.61271  -0.60798 6.12877  0.700 13.70397 ? 4   MLE A HD11 1 
HETATM 132 H HD11 B MLE A 1 4 ? 5.27689  3.89091  -2.53053 0.300 20.75397 ? 4   MLE A HD11 1 
HETATM 133 H HD12 A MLE A 1 4 ? 5.65428  -0.52708 4.95910  0.700 13.70397 ? 4   MLE A HD12 1 
HETATM 134 H HD12 B MLE A 1 4 ? 5.13853  4.39972  -1.05434 0.300 20.75397 ? 4   MLE A HD12 1 
HETATM 135 H HD13 A MLE A 1 4 ? 5.41981  0.71390  5.88829  0.700 13.70397 ? 4   MLE A HD13 1 
HETATM 136 H HD13 B MLE A 1 4 ? 6.22029  3.32292  -1.41399 0.300 20.75397 ? 4   MLE A HD13 1 
HETATM 137 H HD21 A MLE A 1 4 ? 3.77904  1.67999  2.86069  0.700 12.60397 ? 4   MLE A HD21 1 
HETATM 138 H HD21 B MLE A 1 4 ? 3.76130  1.41823  0.31171  0.300 19.17397 ? 4   MLE A HD21 1 
HETATM 139 H HD22 A MLE A 1 4 ? 4.90009  2.13596  3.85647  0.700 12.60397 ? 4   MLE A HD22 1 
HETATM 140 H HD22 B MLE A 1 4 ? 5.28325  1.79456  0.34279  0.300 19.17397 ? 4   MLE A HD22 1 
HETATM 141 H HD23 A MLE A 1 4 ? 5.13455  0.89519  2.92826  0.700 12.60397 ? 4   MLE A HD23 1 
HETATM 142 H HD23 B MLE A 1 4 ? 4.20181  2.87044  0.70265  0.300 19.17397 ? 4   MLE A HD23 1 
ATOM   143 N N    A LEU A 1 5 ? -0.01938 -1.45598 2.21085  0.700 3.94386  ? 5   LEU A N    1 
ATOM   144 N N    B LEU A 1 5 ? -0.42993 1.40848  -2.25029 0.300 3.64404  ? 5   LEU A N    1 
ATOM   145 C CA   A LEU A 1 5 ? -0.76531 -2.54246 1.56258  0.700 3.33956  ? 5   LEU A CA   1 
ATOM   146 C CA   B LEU A 1 5 ? -1.76154 1.87077  -2.58740 0.300 3.24487  ? 5   LEU A CA   1 
ATOM   147 C C    A LEU A 1 5 ? -0.77831 -2.39288 0.05974  0.700 3.60205  ? 5   LEU A C    1 
ATOM   148 C C    B LEU A 1 5 ? -2.57008 2.32824  -1.38241 0.300 2.91642  ? 5   LEU A C    1 
ATOM   149 O O    A LEU A 1 5 ? -1.04104 -1.32996 -0.49923 0.700 4.25296  ? 5   LEU A O    1 
ATOM   150 O O    B LEU A 1 5 ? -3.27458 3.33818  -1.43656 0.300 3.35433  ? 5   LEU A O    1 
ATOM   151 C CB   A LEU A 1 5 ? -2.22408 -2.51030 2.04762  0.700 4.06013  ? 5   LEU A CB   1 
ATOM   152 C CB   B LEU A 1 5 ? -2.52542 0.77526  -3.34455 0.300 3.25678  ? 5   LEU A CB   1 
ATOM   153 C CG   A LEU A 1 5 ? -2.33353 -2.77393 3.54304  0.700 5.68643  ? 5   LEU A CG   1 
ATOM   154 C CG   B LEU A 1 5 ? -2.06707 0.56186  -4.78686 0.300 3.56269  ? 5   LEU A CG   1 
ATOM   155 C CD1  A LEU A 1 5 ? -3.61309 -2.20555 4.06715  0.700 6.35757  ? 5   LEU A CD1  1 
ATOM   156 C CD1  B LEU A 1 5 ? -2.84631 -0.60352 -5.39570 0.300 3.46013  ? 5   LEU A CD1  1 
ATOM   157 C CD2  A LEU A 1 5 ? -2.20020 -4.27356 3.83690  0.700 7.97395  ? 5   LEU A CD2  1 
ATOM   158 C CD2  B LEU A 1 5 ? -2.24162 1.81653  -5.63155 0.300 6.29025  ? 5   LEU A CD2  1 
ATOM   159 H H    A LEU A 1 5 ? -0.42962 -0.74513 2.46777  0.700 5.07397  ? 5   LEU A H    1 
ATOM   160 H H    B LEU A 1 5 ? -0.22456 0.57635  -2.31866 0.300 4.93397  ? 5   LEU A H    1 
ATOM   161 H HA   A LEU A 1 5 ? -0.36102 -3.40261 1.80038  0.700 4.48397  ? 5   LEU A HA   1 
ATOM   162 H HA   B LEU A 1 5 ? -1.66571 2.63759  -3.19035 0.300 4.38397  ? 5   LEU A HA   1 
ATOM   163 H HB2  A LEU A 1 5 ? -2.60775 -1.64231 1.84731  0.700 5.33397  ? 5   LEU A HB2  1 
ATOM   164 H HB2  B LEU A 1 5 ? -2.42689 -0.06014 -2.86180 0.300 4.37397  ? 5   LEU A HB2  1 
ATOM   165 H HB3  A LEU A 1 5 ? -2.73414 -3.18076 1.56717  0.700 5.33397  ? 5   LEU A HB3  1 
ATOM   166 H HB3  B LEU A 1 5 ? -3.46842 1.00193  -3.34937 0.300 4.37397  ? 5   LEU A HB3  1 
ATOM   167 H HG   A LEU A 1 5 ? -1.59297 -2.31152 3.98681  0.700 7.74397  ? 5   LEU A HG   1 
ATOM   168 H HG   B LEU A 1 5 ? -1.11624 0.32480  -4.77759 0.300 4.67397  ? 5   LEU A HG   1 
ATOM   169 H HD11 A LEU A 1 5 ? -3.67594 -2.37433 5.00980  0.700 10.38397 ? 5   LEU A HD11 1 
ATOM   170 H HD11 B LEU A 1 5 ? -2.72775 -1.38642 -4.85356 0.300 6.11397  ? 5   LEU A HD11 1 
ATOM   171 H HD12 A LEU A 1 5 ? -3.63046 -1.25833 3.91122  0.700 10.38397 ? 5   LEU A HD12 1 
ATOM   172 H HD12 B LEU A 1 5 ? -3.77964 -0.37995 -5.43347 0.300 6.11397  ? 5   LEU A HD12 1 
ATOM   173 H HD13 A LEU A 1 5 ? -4.35476 -2.61665 3.61819  0.700 10.38397 ? 5   LEU A HD13 1 
ATOM   174 H HD13 B LEU A 1 5 ? -2.52360 -0.77606 -6.28270 0.300 6.11397  ? 5   LEU A HD13 1 
ATOM   175 H HD21 A LEU A 1 5 ? -1.36852 -4.59589 3.48322  0.700 13.03397 ? 5   LEU A HD21 1 
ATOM   176 H HD21 B LEU A 1 5 ? -1.94440 1.64322  -6.52697 0.300 10.52397 ? 5   LEU A HD21 1 
ATOM   177 H HD22 A LEU A 1 5 ? -2.22262 -4.41656 4.78574  0.700 13.03397 ? 5   LEU A HD22 1 
ATOM   178 H HD22 B LEU A 1 5 ? -3.16866 2.06724  -5.64450 0.300 10.52397 ? 5   LEU A HD22 1 
ATOM   179 H HD23 A LEU A 1 5 ? -2.92734 -4.74602 3.42422  0.700 13.03397 ? 5   LEU A HD23 1 
ATOM   180 H HD23 B LEU A 1 5 ? -1.72295 2.53038  -5.25375 0.300 10.52397 ? 5   LEU A HD23 1 
ATOM   181 N N    A ILE A 1 6 ? -0.56930 -3.53179 -0.62300 0.700 3.44211  ? 6   ILE A N    1 
ATOM   182 N N    B ILE A 1 6 ? -2.50212 1.56400  -0.30440 0.300 2.41025  ? 6   ILE A N    1 
ATOM   183 C CA   A ILE A 1 6 ? -0.62108 -3.61447 -2.07417 0.700 3.51314  ? 6   ILE A CA   1 
ATOM   184 C CA   B ILE A 1 6 ? -3.14923 1.92071  0.96416  0.300 3.11523  ? 6   ILE A CA   1 
ATOM   185 C C    A ILE A 1 6 ? 0.38876  -2.61067 -2.65417 0.700 3.71228  ? 6   ILE A C    1 
ATOM   186 C C    B ILE A 1 6 ? -2.12746 1.72184  2.07932  0.300 3.32339  ? 6   ILE A C    1 
ATOM   187 O O    A ILE A 1 6 ? 0.02839  -1.67790 -3.39585 0.700 4.94410  ? 6   ILE A O    1 
ATOM   188 O O    B ILE A 1 6 ? -1.97937 0.65743  2.66864  0.300 2.67427  ? 6   ILE A O    1 
ATOM   189 C CB   A ILE A 1 6 ? -2.02750 -3.46478 -2.67631 0.700 3.28425  ? 6   ILE A CB   1 
ATOM   190 C CB   B ILE A 1 6 ? -4.42257 1.10183  1.21674  0.300 3.38619  ? 6   ILE A CB   1 
ATOM   191 C CG1  A ILE A 1 6 ? -3.12204 -4.14674 -1.86338 0.700 4.17602  ? 6   ILE A CG1  1 
ATOM   192 C CG1  B ILE A 1 6 ? -5.39569 1.08140  0.04212  0.300 2.67560  ? 6   ILE A CG1  1 
ATOM   193 C CG2  A ILE A 1 6 ? -2.01138 -3.98414 -4.12231 0.700 3.69844  ? 6   ILE A CG2  1 
ATOM   194 C CG2  B ILE A 1 6 ? -5.12711 1.52202  2.50320  0.300 4.04831  ? 6   ILE A CG2  1 
ATOM   195 C CD1  A ILE A 1 6 ? -2.97282 -5.63592 -1.67605 0.700 5.58957  ? 6   ILE A CD1  1 
ATOM   196 C CD1  B ILE A 1 6 ? -6.21070 2.34828  -0.14309 0.300 3.86140  ? 6   ILE A CD1  1 
ATOM   197 H H    A ILE A 1 6 ? -0.39598 -4.24742 -0.17988 0.700 4.63397  ? 6   ILE A H    1 
ATOM   198 H H    B ILE A 1 6 ? -2.06008 0.82753  -0.34934 0.300 3.50397  ? 6   ILE A H    1 
ATOM   199 H HA   A ILE A 1 6 ? -0.30239 -4.50865 -2.31867 0.700 4.56397  ? 6   ILE A HA   1 
ATOM   200 H HA   B ILE A 1 6 ? -3.39273 2.86935  0.93150  0.300 4.26397  ? 6   ILE A HA   1 
ATOM   201 H HB   A ILE A 1 6 ? -2.23495 -2.50690 -2.70739 0.700 4.40397  ? 6   ILE A HB   1 
ATOM   202 H HB   B ILE A 1 6 ? -4.13192 0.17490  1.35183  0.300 4.56397  ? 6   ILE A HB   1 
ATOM   203 H HG12 A ILE A 1 6 ? -3.15453 -3.73113 -0.98670 0.700 5.57397  ? 6   ILE A HG12 1 
ATOM   204 H HG12 B ILE A 1 6 ? -4.89352 0.91698  -0.77024 0.300 3.72397  ? 6   ILE A HG12 1 
ATOM   205 H HG13 A ILE A 1 6 ? -3.97284 -3.97688 -2.29568 0.700 5.57397  ? 6   ILE A HG13 1 
ATOM   206 H HG13 B ILE A 1 6 ? -6.00715 0.33756  0.16215  0.300 3.72397  ? 6   ILE A HG13 1 
ATOM   207 H HG21 A ILE A 1 6 ? -1.31496 -3.54135 -4.61299 0.700 6.40397  ? 6   ILE A HG21 1 
ATOM   208 H HG21 B ILE A 1 6 ? -4.49655 1.52739  3.22740  0.300 6.93397  ? 6   ILE A HG21 1 
ATOM   209 H HG22 A ILE A 1 6 ? -1.84931 -4.93056 -4.12107 0.700 6.40397  ? 6   ILE A HG22 1 
ATOM   210 H HG22 B ILE A 1 6 ? -5.49572 2.40156  2.39377  0.300 6.93397  ? 6   ILE A HG22 1 
ATOM   211 H HG23 A ILE A 1 6 ? -2.85897 -3.80473 -4.53618 0.700 6.40397  ? 6   ILE A HG23 1 
ATOM   212 H HG23 B ILE A 1 6 ? -5.83316 0.90158  2.69905  0.300 6.93397  ? 6   ILE A HG23 1 
ATOM   213 H HD11 A ILE A 1 6 ? -3.70654 -5.96790 -1.15507 0.700 9.18397  ? 6   ILE A HD11 1 
ATOM   214 H HD11 B ILE A 1 6 ? -6.79186 2.24629  -0.90054 0.300 6.47397  ? 6   ILE A HD11 1 
ATOM   215 H HD12 A ILE A 1 6 ? -2.96910 -6.06678 -2.53444 0.700 9.18397  ? 6   ILE A HD12 1 
ATOM   216 H HD12 B ILE A 1 6 ? -6.73525 2.50919  0.64410  0.300 6.47397  ? 6   ILE A HD12 1 
ATOM   217 H HD13 A ILE A 1 6 ? -2.14769 -5.82017 -1.22150 0.700 9.18397  ? 6   ILE A HD13 1 
ATOM   218 H HD13 B ILE A 1 6 ? -5.61906 3.09004  -0.29061 0.300 6.47397  ? 6   ILE A HD13 1 
HETATM 219 N N    A DPR A 1 7 ? 1.67455  -2.79775 -2.33442 0.700 4.35248  ? 7   DPR A N    1 
HETATM 220 N N    B DPR A 1 7 ? -1.39238 2.81902  2.22221  0.300 3.24218  ? 7   DPR A N    1 
HETATM 221 C CA   A DPR A 1 7 ? 2.66647  -1.77934 -2.75609 0.700 4.61277  ? 7   DPR A CA   1 
HETATM 222 C CA   B DPR A 1 7 ? -0.34042 2.67779  3.25138  0.300 2.58755  ? 7   DPR A CA   1 
HETATM 223 C CB   A DPR A 1 7 ? 4.01794  -2.44795 -2.37317 0.700 5.07358  ? 7   DPR A CB   1 
HETATM 224 C CB   B DPR A 1 7 ? 0.23434  4.12128  3.30318  0.300 3.38463  ? 7   DPR A CB   1 
HETATM 225 C CG   A DPR A 1 7 ? 3.68926  -3.91206 -2.07977 0.700 5.70315  ? 7   DPR A CG   1 
HETATM 226 C CG   B DPR A 1 7 ? -0.00837 4.67089  1.90733  0.300 2.67988  ? 7   DPR A CG   1 
HETATM 227 C CD   A DPR A 1 7 ? 2.30123  -3.82839 -1.50056 0.700 4.47659  ? 7   DPR A CD   1 
HETATM 228 C CD   B DPR A 1 7 ? -1.35586 4.09917  1.51539  0.300 4.87032  ? 7   DPR A CD   1 
HETATM 229 C C    A DPR A 1 7 ? 2.41647  -0.55895 -1.84717 0.700 5.56556  ? 7   DPR A C    1 
HETATM 230 C C    B DPR A 1 7 ? 0.68589  1.66506  2.76103  0.300 3.19769  ? 7   DPR A C    1 
HETATM 231 O O    A DPR A 1 7 ? 2.45554  -0.66726 -0.61625 0.700 6.28979  ? 7   DPR A O    1 
HETATM 232 O O    B DPR A 1 7 ? 1.22116  1.92202  1.66779  0.300 3.43824  ? 7   DPR A O    1 
HETATM 233 H HA   A DPR A 1 7 ? 2.60653  -1.56147 -3.70937 0.700 6.26397  ? 7   DPR A HA   1 
HETATM 234 H HA   B DPR A 1 7 ? -0.71972 2.41287  4.11522  0.300 3.53397  ? 7   DPR A HA   1 
HETATM 235 H HB2  A DPR A 1 7 ? 4.65140  -2.37955 -3.10483 0.700 6.67397  ? 7   DPR A HB2  1 
HETATM 236 H HB2  B DPR A 1 7 ? -0.22677 4.65406  3.97038  0.300 4.61397  ? 7   DPR A HB2  1 
HETATM 237 H HB3  A DPR A 1 7 ? 4.40027  -2.01976 -1.59030 0.700 6.67397  ? 7   DPR A HB3  1 
HETATM 238 H HB3  B DPR A 1 7 ? 1.18245  4.10927  3.51062  0.300 4.61397  ? 7   DPR A HB3  1 
HETATM 239 H HG2  A DPR A 1 7 ? 3.70002  -4.44430 -2.89112 0.700 7.53397  ? 7   DPR A HG2  1 
HETATM 240 H HG2  B DPR A 1 7 ? -0.03234 5.64099  1.91524  0.300 3.66397  ? 7   DPR A HG2  1 
HETATM 241 H HG3  A DPR A 1 7 ? 4.31329  -4.29191 -1.44174 0.700 7.53397  ? 7   DPR A HG3  1 
HETATM 242 H HG3  B DPR A 1 7 ? 0.68441  4.37815  1.29412  0.300 3.66397  ? 7   DPR A HG3  1 
HETATM 243 H HD2  A DPR A 1 7 ? 1.83531  -4.67591 -1.57874 0.700 5.79397  ? 7   DPR A HD2  1 
HETATM 244 H HD2  B DPR A 1 7 ? -2.07860 4.67837  1.80278  0.300 6.45397  ? 7   DPR A HD2  1 
HETATM 245 H HD3  A DPR A 1 7 ? 2.32331  -3.56192 -0.56763 0.700 5.79397  ? 7   DPR A HD3  1 
HETATM 246 H HD3  B DPR A 1 7 ? -1.41590 3.97134  0.55540  0.300 6.45397  ? 7   DPR A HD3  1 
HETATM 247 N N    A MLE A 1 8 ? 2.19500  0.60747  -2.40581 0.700 4.79546  ? 8   MLE A N    1 
HETATM 248 N N    B MLE A 1 8 ? 1.08505  0.70930  3.61078  0.300 5.52871  ? 8   MLE A N    1 
HETATM 249 C CN   A MLE A 1 8 ? 2.19715  0.77964  -3.88370 0.700 4.74192  ? 8   MLE A CN   1 
HETATM 250 C CN   B MLE A 1 8 ? 0.49404  0.40697  4.93031  0.300 11.35086 ? 8   MLE A CN   1 
HETATM 251 C CA   A MLE A 1 8 ? 1.87802  1.76531  -1.56911 0.700 4.36988  ? 8   MLE A CA   1 
HETATM 252 C CA   B MLE A 1 8 ? 2.03086  -0.28778 3.07071  0.300 5.57110  ? 8   MLE A CA   1 
HETATM 253 C CB   A MLE A 1 8 ? 2.87242  2.89629  -1.72983 0.700 7.11537  ? 8   MLE A CB   1 
HETATM 254 C CB   B MLE A 1 8 ? 3.14178  -0.59602 4.07512  0.300 7.29316  ? 8   MLE A CB   1 
HETATM 255 C CG   A MLE A 1 8 ? 4.33977  2.47435  -1.72219 0.700 10.97375 ? 8   MLE A CG   1 
HETATM 256 C CG   B MLE A 1 8 ? 4.06744  0.55237  4.45744  0.300 11.22692 ? 8   MLE A CG   1 
HETATM 257 C CD1  A MLE A 1 8 ? 5.22090  3.58810  -2.29253 0.700 20.77800 ? 8   MLE A CD1  1 
HETATM 258 C CD1  B MLE A 1 8 ? 5.32266  0.06026  5.19222  0.300 25.92680 ? 8   MLE A CD1  1 
HETATM 259 C CD2  A MLE A 1 8 ? 4.72044  2.19274  -0.24306 0.700 12.28433 ? 8   MLE A CD2  1 
HETATM 260 C CD2  B MLE A 1 8 ? 4.46591  1.32718  3.19978  0.300 22.28642 ? 8   MLE A CD2  1 
HETATM 261 C C    A MLE A 1 8 ? 0.46685  2.25287  -1.80955 0.700 4.44556  ? 8   MLE A C    1 
HETATM 262 C C    B MLE A 1 8 ? 1.24332  -1.55960 2.80578  0.300 6.12981  ? 8   MLE A C    1 
HETATM 263 O O    A MLE A 1 8 ? 0.16288  3.43532  -1.60998 0.700 4.05753  ? 8   MLE A O    1 
HETATM 264 O O    B MLE A 1 8 ? 1.28346  -2.48888 3.60023  0.300 9.54713  ? 8   MLE A O    1 
HETATM 265 H HN1  A MLE A 1 8 ? 2.01714  1.69884  -4.09838 0.700 7.87397  ? 8   MLE A HN1  1 
HETATM 266 H HN1  B MLE A 1 8 ? 0.96776  -0.32333 5.33408  0.300 18.71397 ? 8   MLE A HN1  1 
HETATM 267 H HN2  A MLE A 1 8 ? 3.05639  0.53229  -4.23302 0.700 7.87397  ? 8   MLE A HN2  1 
HETATM 268 H HN2  B MLE A 1 8 ? 0.55956  1.18105  5.49487  0.300 18.71397 ? 8   MLE A HN2  1 
HETATM 269 H HN3  A MLE A 1 8 ? 1.52011  0.22171  -4.27165 0.700 7.87397  ? 8   MLE A HN3  1 
HETATM 270 H HN3  B MLE A 1 8 ? -0.42875 0.16899  4.82039  0.300 18.71397 ? 8   MLE A HN3  1 
HETATM 271 H HA   A MLE A 1 8 ? 1.92518  1.46960  -0.63572 0.700 5.87397  ? 8   MLE A HA   1 
HETATM 272 H HA   B MLE A 1 8 ? 2.42124  0.04194  2.23371  0.300 7.50397  ? 8   MLE A HA   1 
HETATM 273 H HB2  A MLE A 1 8 ? 2.73172  3.53390  -1.01333 0.700 9.18397  ? 8   MLE A HB2  1 
HETATM 274 H HB2  B MLE A 1 8 ? 2.72872  -0.93183 4.88547  0.300 9.39397  ? 8   MLE A HB2  1 
HETATM 275 H HB3  A MLE A 1 8 ? 2.68737  3.35197  -2.56642 0.700 9.18397  ? 8   MLE A HB3  1 
HETATM 276 H HB3  B MLE A 1 8 ? 3.68651  -1.31180 3.71070  0.300 9.39397  ? 8   MLE A HB3  1 
HETATM 277 H HG   A MLE A 1 8 ? 4.45268  1.65882  -2.25341 0.700 14.28397 ? 8   MLE A HG   1 
HETATM 278 H HG   B MLE A 1 8 ? 3.57847  1.15858  5.05169  0.300 14.11397 ? 8   MLE A HG   1 
HETATM 279 H HD11 A MLE A 1 8 ? 6.13873  3.30718  -2.28023 0.700 32.59397 ? 8   MLE A HD11 1 
HETATM 280 H HD11 B MLE A 1 8 ? 5.87761  0.81068  5.41503  0.300 40.31397 ? 8   MLE A HD11 1 
HETATM 281 H HD12 A MLE A 1 8 ? 4.95489  3.77491  -3.19598 0.700 32.59397 ? 8   MLE A HD12 1 
HETATM 282 H HD12 B MLE A 1 8 ? 5.06417  -0.39664 5.99576  0.300 40.31397 ? 8   MLE A HD12 1 
HETATM 283 H HD13 A MLE A 1 8 ? 5.12120  4.37950  -1.75885 0.700 32.59397 ? 8   MLE A HD13 1 
HETATM 284 H HD13 B MLE A 1 8 ? 5.81058  -0.54115 4.62557  0.300 40.31397 ? 8   MLE A HD13 1 
HETATM 285 H HD21 A MLE A 1 8 ? 4.16090  1.49372  0.10342  0.700 19.80397 ? 8   MLE A HD21 1 
HETATM 286 H HD21 B MLE A 1 8 ? 5.04838  2.05089  3.44016  0.300 34.97397 ? 8   MLE A HD21 1 
HETATM 287 H HD22 A MLE A 1 8 ? 5.63930  1.92133  -0.19495 0.700 19.80397 ? 8   MLE A HD22 1 
HETATM 288 H HD22 B MLE A 1 8 ? 4.91970  0.73946  2.59170  0.300 34.97397 ? 8   MLE A HD22 1 
HETATM 289 H HD23 A MLE A 1 8 ? 4.59375  2.99046  0.27755  0.700 19.80397 ? 8   MLE A HD23 1 
HETATM 290 H HD23 B MLE A 1 8 ? 3.67817  1.67783  2.77670  0.300 34.97397 ? 8   MLE A HD23 1 
HETATM 291 O O    . HOH B 2 . ? 4.59795  -3.27182 1.12016  1.000 24.46093 ? 101 HOH A O    1 
# 
loop_
_atom_site_anisotrop.id 
_atom_site_anisotrop.type_symbol 
_atom_site_anisotrop.pdbx_label_atom_id 
_atom_site_anisotrop.pdbx_label_alt_id 
_atom_site_anisotrop.pdbx_label_comp_id 
_atom_site_anisotrop.pdbx_label_asym_id 
_atom_site_anisotrop.pdbx_label_seq_id 
_atom_site_anisotrop.pdbx_PDB_ins_code 
_atom_site_anisotrop.U[1][1] 
_atom_site_anisotrop.U[2][2] 
_atom_site_anisotrop.U[3][3] 
_atom_site_anisotrop.U[1][2] 
_atom_site_anisotrop.U[1][3] 
_atom_site_anisotrop.U[2][3] 
_atom_site_anisotrop.pdbx_auth_seq_id 
_atom_site_anisotrop.pdbx_auth_comp_id 
_atom_site_anisotrop.pdbx_auth_asym_id 
_atom_site_anisotrop.pdbx_auth_atom_id 
1   N N   A LEU A 1 ? 0.03452 0.04623 0.06455 -0.00714 -0.00217 -0.00581 1   LEU A N   
2   N N   B LEU A 1 ? 0.08434 0.04543 0.07658 0.00189  -0.00733 -0.02446 1   LEU A N   
3   C CA  A LEU A 1 ? 0.03404 0.06079 0.05256 -0.00711 -0.00149 -0.00176 1   LEU A CA  
4   C CA  B LEU A 1 ? 0.07710 0.09161 0.07607 -0.03087 0.01307  -0.01519 1   LEU A CA  
5   C C   A LEU A 1 ? 0.04135 0.05358 0.05152 -0.01422 -0.00160 -0.00193 1   LEU A C   
6   C C   B LEU A 1 ? 0.03750 0.06637 0.07601 -0.01991 -0.01462 -0.00933 1   LEU A C   
7   O O   A LEU A 1 ? 0.04480 0.05537 0.06333 -0.00115 -0.00072 -0.00169 1   LEU A O   
8   O O   B LEU A 1 ? 0.05400 0.05806 0.09582 -0.02142 -0.01770 -0.01551 1   LEU A O   
9   C CB  A LEU A 1 ? 0.03735 0.06160 0.06278 -0.01017 0.00707  -0.00779 1   LEU A CB  
10  C CB  B LEU A 1 ? 0.06469 0.04299 0.07049 0.00295  -0.01486 -0.02042 1   LEU A CB  
11  C CG  A LEU A 1 ? 0.05228 0.06275 0.05687 -0.00158 0.00473  -0.01155 1   LEU A CG  
12  C CG  B LEU A 1 ? 0.03011 0.07276 0.07583 -0.01332 -0.00764 -0.00253 1   LEU A CG  
13  C CD1 A LEU A 1 ? 0.07771 0.11341 0.06727 -0.03084 -0.00010 -0.02277 1   LEU A CD1 
14  C CD1 B LEU A 1 ? 0.07556 0.04683 0.09389 0.01193  0.00304  -0.03205 1   LEU A CD1 
15  C CD2 A LEU A 1 ? 0.08210 0.07734 0.05791 -0.00018 0.01069  -0.01031 1   LEU A CD2 
16  C CD2 B LEU A 1 ? 0.10894 0.09223 0.09596 0.04835  0.04597  0.02002  1   LEU A CD2 
39  N N   A VAL A 2 ? 0.04454 0.06068 0.05236 -0.00696 -0.00222 0.00041  2   VAL A N   
40  N N   B VAL A 2 ? 0.05496 0.05912 0.06810 -0.01353 -0.00490 -0.00161 2   VAL A N   
41  C CA  A VAL A 2 ? 0.03677 0.06044 0.04670 -0.00628 0.00079  -0.00415 2   VAL A CA  
42  C CA  B VAL A 2 ? 0.04351 0.08149 0.07058 0.01329  0.02213  0.00496  2   VAL A CA  
43  C C   A VAL A 2 ? 0.02703 0.06980 0.04756 -0.01131 0.01040  -0.00073 2   VAL A C   
44  C C   B VAL A 2 ? 0.04382 0.05843 0.07417 0.01536  0.02134  -0.01411 2   VAL A C   
45  O O   A VAL A 2 ? 0.04910 0.06257 0.05833 -0.01528 -0.00581 0.00684  2   VAL A O   
46  O O   B VAL A 2 ? 0.02296 0.05544 0.04741 -0.01550 -0.00213 -0.00753 2   VAL A O   
47  C CB  A VAL A 2 ? 0.04505 0.05913 0.05402 -0.01563 -0.00306 -0.00508 2   VAL A CB  
48  C CB  B VAL A 2 ? 0.07177 0.13773 0.07727 -0.02329 -0.01877 0.01108  2   VAL A CB  
49  C CG1 A VAL A 2 ? 0.04573 0.06717 0.07692 -0.00183 0.01580  0.00297  2   VAL A CG1 
50  C CG1 B VAL A 2 ? 0.14962 0.14437 0.12503 0.05586  -0.03892 -0.06964 2   VAL A CG1 
51  C CG2 A VAL A 2 ? 0.06812 0.09797 0.08557 -0.03055 -0.02466 0.01182  2   VAL A CG2 
52  C CG2 B VAL A 2 ? 0.09344 0.12537 0.15653 -0.04897 -0.01909 -0.01100 2   VAL A CG2 
71  N N   A DPR A 3 ? 0.03949 0.04784 0.04728 -0.00625 0.00119  -0.01762 3   DPR A N   
72  N N   B DPR A 3 ? 0.04936 0.03629 0.07411 0.00966  0.00126  -0.02407 3   DPR A N   
73  C CA  A DPR A 3 ? 0.04548 0.06162 0.05594 -0.00896 -0.00287 -0.02032 3   DPR A CA  
74  C CA  B DPR A 3 ? 0.04925 0.07214 0.05795 0.00933  -0.00277 -0.00839 3   DPR A CA  
75  C CB  A DPR A 3 ? 0.05464 0.06425 0.08206 -0.00727 -0.00963 -0.01954 3   DPR A CB  
76  C CB  B DPR A 3 ? 0.04527 0.13881 0.14113 0.01737  0.01110  0.00271  3   DPR A CB  
77  C CG  A DPR A 3 ? 0.06226 0.07982 0.11000 -0.02960 -0.02410 -0.00051 3   DPR A CG  
78  C CG  B DPR A 3 ? 0.06952 0.13097 0.17532 0.02497  0.00439  0.06472  3   DPR A CG  
79  C CD  A DPR A 3 ? 0.03937 0.04496 0.06119 -0.00266 0.01083  -0.01325 3   DPR A CD  
80  C CD  B DPR A 3 ? 0.06531 0.11218 0.13114 0.01970  0.01234  0.04135  3   DPR A CD  
81  C C   A DPR A 3 ? 0.03755 0.06043 0.06683 -0.01607 0.00984  0.00046  3   DPR A C   
82  C C   B DPR A 3 ? 0.02748 0.06985 0.03049 -0.01907 -0.00151 -0.00433 3   DPR A C   
83  O O   A DPR A 3 ? 0.08956 0.08395 0.07016 0.02769  0.02574  0.00849  3   DPR A O   
84  O O   B DPR A 3 ? 0.05840 0.11134 0.04020 -0.04205 0.00519  -0.00313 3   DPR A O   
99  N N   A MLE A 4 ? 0.02830 0.05880 0.04907 -0.01611 -0.00115 -0.01049 4   MLE A N   
100 N N   B MLE A 4 ? 0.04437 0.05632 0.05130 0.00150  0.00370  -0.03169 4   MLE A N   
101 C CN  A MLE A 4 ? 0.03423 0.06920 0.04776 -0.00747 -0.00165 -0.00923 4   MLE A CN  
102 C CN  B MLE A 4 ? 0.06695 0.10854 0.04206 -0.02103 -0.00144 0.00316  4   MLE A CN  
103 C CA  A MLE A 4 ? 0.02070 0.06017 0.06605 -0.01058 0.00103  -0.00263 4   MLE A CA  
104 C CA  B MLE A 4 ? 0.03650 0.05947 0.06419 -0.01172 -0.00853 -0.02530 4   MLE A CA  
105 C CB  A MLE A 4 ? 0.03675 0.06483 0.09089 -0.00746 -0.01528 -0.01426 4   MLE A CB  
106 C CB  B MLE A 4 ? 0.07495 0.08121 0.16944 -0.02407 -0.04252 0.02808  4   MLE A CB  
107 C CG  A MLE A 4 ? 0.04181 0.08221 0.11747 -0.00044 -0.01705 -0.03769 4   MLE A CG  
108 C CG  B MLE A 4 ? 0.03878 0.10160 0.09015 -0.00331 0.00074  -0.05004 4   MLE A CG  
109 C CD1 A MLE A 4 ? 0.06179 0.11237 0.14107 0.01615  -0.03315 -0.05792 4   MLE A CD1 
110 C CD1 B MLE A 4 ? 0.12348 0.25783 0.11594 -0.07312 0.00054  -0.01985 4   MLE A CD1 
111 C CD2 A MLE A 4 ? 0.05858 0.07343 0.15724 -0.01796 -0.00359 -0.02914 4   MLE A CD2 
112 C CD2 B MLE A 4 ? 0.07847 0.25015 0.12799 -0.00059 -0.01264 0.02790  4   MLE A CD2 
113 C C   A MLE A 4 ? 0.02574 0.05666 0.04740 -0.01078 0.00628  0.00002  4   MLE A C   
114 C C   B MLE A 4 ? 0.04006 0.04502 0.04257 -0.00342 -0.00664 -0.01785 4   MLE A C   
115 O O   A MLE A 4 ? 0.03432 0.04969 0.06975 -0.00482 0.00144  -0.01311 4   MLE A O   
116 O O   B MLE A 4 ? 0.13437 0.04926 0.08807 0.02901  -0.02221 -0.01626 4   MLE A O   
143 N N   A LEU A 5 ? 0.03231 0.05582 0.06172 -0.00748 -0.00038 -0.01068 5   LEU A N   
144 N N   B LEU A 5 ? 0.02545 0.06740 0.04561 -0.01202 0.01066  -0.01717 5   LEU A N   
145 C CA  A LEU A 5 ? 0.03420 0.04082 0.05187 -0.00494 -0.00319 -0.01378 5   LEU A CA  
146 C CA  B LEU A 5 ? 0.02376 0.04754 0.05198 -0.01080 0.01335  -0.01017 5   LEU A CA  
147 C C   A LEU A 5 ? 0.03857 0.04835 0.04994 -0.00708 0.00605  -0.00979 5   LEU A C   
148 C C   B LEU A 5 ? 0.01935 0.04318 0.04828 -0.01102 0.00370  -0.01161 5   LEU A C   
149 O O   A LEU A 5 ? 0.06022 0.05288 0.04849 -0.00052 0.00521  -0.00337 5   LEU A O   
150 O O   B LEU A 5 ? 0.02528 0.05155 0.05062 -0.01295 0.01243  -0.01440 5   LEU A O   
151 C CB  A LEU A 5 ? 0.03644 0.06861 0.04922 -0.01679 0.00000  -0.01097 5   LEU A CB  
152 C CB  B LEU A 5 ? 0.02629 0.05618 0.04127 0.00486  -0.01420 -0.00761 5   LEU A CB  
153 C CG  A LEU A 5 ? 0.07739 0.09132 0.04734 -0.00077 0.00881  -0.00663 5   LEU A CG  
154 C CG  B LEU A 5 ? 0.02351 0.06906 0.04280 -0.00619 -0.00467 -0.00592 5   LEU A CG  
155 C CD1 A LEU A 5 ? 0.06482 0.11204 0.06470 -0.02779 0.01443  -0.00178 5   LEU A CD1 
156 C CD1 B LEU A 5 ? 0.04866 0.03003 0.05278 0.01620  -0.00661 -0.01312 5   LEU A CD1 
157 C CD2 A LEU A 5 ? 0.08586 0.12788 0.08923 0.00332  0.00724  0.03907  5   LEU A CD2 
158 C CD2 B LEU A 5 ? 0.12819 0.06275 0.04806 -0.04053 0.01520  -0.01243 5   LEU A CD2 
181 N N   A ILE A 6 ? 0.03212 0.05072 0.04795 -0.01110 0.00504  -0.00860 6   ILE A N   
182 N N   B ILE A 6 ? 0.01799 0.02900 0.04457 -0.00630 0.00914  -0.02005 6   ILE A N   
183 C CA  A ILE A 6 ? 0.03804 0.04692 0.04853 -0.01828 -0.00130 -0.01382 6   ILE A CA  
184 C CA  B ILE A 6 ? 0.02635 0.04630 0.04571 -0.01465 0.01243  -0.01943 6   ILE A CA  
185 C C   A ILE A 6 ? 0.03427 0.05982 0.04695 -0.02200 -0.00159 -0.01323 6   ILE A C   
186 C C   B ILE A 6 ? 0.02163 0.04306 0.06158 -0.00385 0.00531  -0.02987 6   ILE A C   
187 O O   A ILE A 6 ? 0.05684 0.06073 0.07027 -0.00860 0.00301  0.00816  6   ILE A O   
188 O O   B ILE A 6 ? 0.01743 0.03768 0.04651 -0.00533 0.00773  -0.01703 6   ILE A O   
189 C CB  A ILE A 6 ? 0.02662 0.04806 0.05010 -0.01532 0.00235  -0.01652 6   ILE A CB  
190 C CB  B ILE A 6 ? 0.01691 0.05413 0.05762 -0.00646 0.00658  -0.00103 6   ILE A CB  
191 C CG1 A ILE A 6 ? 0.03429 0.08023 0.04415 -0.01722 0.00410  -0.00590 6   ILE A CG1 
192 C CG1 B ILE A 6 ? 0.01777 0.04278 0.04113 -0.00593 0.00993  -0.01058 6   ILE A CG1 
193 C CG2 A ILE A 6 ? 0.03401 0.05995 0.04657 -0.02198 0.00192  -0.00703 6   ILE A CG2 
194 C CG2 B ILE A 6 ? 0.02921 0.08183 0.04278 -0.01538 -0.00239 0.00887  6   ILE A CG2 
195 C CD1 A ILE A 6 ? 0.05779 0.07245 0.08214 -0.02031 -0.00094 -0.00373 6   ILE A CD1 
196 C CD1 B ILE A 6 ? 0.02408 0.06441 0.05823 -0.00701 0.00158  -0.00385 6   ILE A CD1 
219 N N   A DPR A 7 ? 0.02792 0.07042 0.06704 -0.02033 0.00215  -0.00096 7   DPR A N   
220 N N   B DPR A 7 ? 0.01792 0.05409 0.05119 -0.01164 0.00207  -0.00005 7   DPR A N   
221 C CA  A DPR A 7 ? 0.03317 0.05706 0.08504 -0.01823 0.01077  -0.00619 7   DPR A CA  
222 C CA  B DPR A 7 ? 0.01289 0.04298 0.04245 -0.00707 0.00225  0.00013  7   DPR A CA  
223 C CB  A DPR A 7 ? 0.03645 0.06983 0.08650 -0.01793 0.00549  -0.01853 7   DPR A CB  
224 C CB  B DPR A 7 ? 0.02175 0.05324 0.05361 -0.00976 -0.00813 -0.01010 7   DPR A CB  
225 C CG  A DPR A 7 ? 0.04160 0.06500 0.11010 -0.00946 -0.00260 -0.02336 7   DPR A CG  
226 C CG  B DPR A 7 ? 0.02548 0.02404 0.05230 -0.00062 0.01477  -0.01209 7   DPR A CG  
227 C CD  A DPR A 7 ? 0.03514 0.04956 0.08540 -0.01207 -0.00818 -0.01209 7   DPR A CD  
228 C CD  B DPR A 7 ? 0.04605 0.07507 0.06394 -0.02889 -0.01556 0.00457  7   DPR A CD  
229 C C   A DPR A 7 ? 0.05784 0.08854 0.06508 -0.01555 0.00180  -0.00211 7   DPR A C   
230 C C   B DPR A 7 ? 0.02813 0.05922 0.03414 -0.00219 -0.00328 -0.02361 7   DPR A C   
231 O O   A DPR A 7 ? 0.09978 0.07031 0.06889 -0.00058 -0.00544 0.00152  7   DPR A O   
232 O O   B DPR A 7 ? 0.02529 0.05049 0.05485 -0.01268 0.01130  -0.02071 7   DPR A O   
247 N N   A MLE A 8 ? 0.03065 0.07578 0.07578 -0.01738 0.00727  0.00155  8   MLE A N   
248 N N   B MLE A 8 ? 0.05898 0.07221 0.07888 0.02066  0.02564  -0.00676 8   MLE A N   
249 C CN  A MLE A 8 ? 0.04330 0.07929 0.05758 -0.00447 0.01796  0.01701  8   MLE A CN  
250 C CN  B MLE A 8 ? 0.17849 0.13243 0.12036 0.05767  0.07442  0.04780  8   MLE A CN  
251 C CA  A MLE A 8 ? 0.03966 0.06164 0.06473 -0.01373 0.00380  -0.01269 8   MLE A CA  
252 C CA  B MLE A 8 ? 0.08825 0.04466 0.07876 0.01038  -0.00220 -0.03102 8   MLE A CA  
253 C CB  A MLE A 8 ? 0.05181 0.08291 0.13564 -0.02078 0.00713  -0.02458 8   MLE A CB  
254 C CB  B MLE A 8 ? 0.05150 0.09239 0.13322 0.01384  -0.00162 -0.01791 8   MLE A CB  
255 C CG  A MLE A 8 ? 0.07521 0.10172 0.24002 -0.02273 -0.01788 -0.00350 8   MLE A CG  
256 C CG  B MLE A 8 ? 0.07601 0.16215 0.18842 -0.04023 -0.00158 -0.00328 8   MLE A CG  
257 C CD1 A MLE A 8 ? 0.15427 0.19161 0.44359 -0.02179 -0.02774 0.07376  8   MLE A CD1 
258 C CD1 B MLE A 8 ? 0.19669 0.38362 0.40479 -0.06520 -0.06872 0.11258  8   MLE A CD1 
259 C CD2 A MLE A 8 ? 0.10352 0.11716 0.24607 0.01449  -0.05762 -0.06739 8   MLE A CD2 
260 C CD2 B MLE A 8 ? 0.25475 0.27825 0.31378 -0.09938 0.03141  0.10036  8   MLE A CD2 
261 C C   A MLE A 8 ? 0.03505 0.07152 0.06233 -0.01721 0.00531  -0.00835 8   MLE A C   
262 C C   B MLE A 8 ? 0.08262 0.07329 0.07699 -0.00919 -0.00587 -0.00347 8   MLE A C   
263 O O   A MLE A 8 ? 0.03052 0.05946 0.06419 -0.01910 -0.00236 -0.01323 8   MLE A O   
264 O O   B MLE A 8 ? 0.13094 0.09090 0.14091 -0.01728 -0.02973 0.01930  8   MLE A O   
291 O O   . HOH B . ? 0.25870 0.36183 0.30887 -0.01305 -0.01256 -0.03234 101 HOH A O   
# 
